data_1ONX
#
_entry.id   1ONX
#
_cell.length_a   119.100
_cell.length_b   119.100
_cell.length_c   138.100
_cell.angle_alpha   90.00
_cell.angle_beta   90.00
_cell.angle_gamma   90.00
#
_symmetry.space_group_name_H-M   'P 4 21 2'
#
loop_
_entity.id
_entity.type
_entity.pdbx_description
1 polymer 'Isoaspartyl dipeptidase'
2 non-polymer 'ZINC ION'
3 non-polymer 'ASPARTIC ACID'
4 water water
#
_entity_poly.entity_id   1
_entity_poly.type   'polypeptide(L)'
_entity_poly.pdbx_seq_one_letter_code
;MIDYTAAGFTLLQGAHLYAPEDRGICDVLVANGKIIAVASNIPSDIVPNCTVVDLSGQILCPGFIDQHVHLIGGGGEAGP
TTRTPEVALSRLTEAGVTSVVGLLGTDSISRHPESLLAKTRALNEEGISAWMLTGAYHVPSRTITGSVEKDVAIIDRVIG
V(KCX)CAISDHRSAAPDVYHLANMAAESRVGGLLGGKPGVTVFHMGDSKKALQPIYDLLENCDVPISKLLPTHVNRNVP
LFEQALEFARKGGTIDITSSIDEPVAPAEGIARAVQAGIPLARVTLSSDGNGSQPFFDDEGNLTHIGVAGFETLLETVQV
LVKDYDFSISDALRPLTSSVAGFLNLTGKGEILPGNDADLLVMTPELRIEQVYARGKLMVKDGKACVKGTFETA
;
_entity_poly.pdbx_strand_id   A,B
#
loop_
_chem_comp.id
_chem_comp.type
_chem_comp.name
_chem_comp.formula
ZN non-polymer 'ZINC ION' 'Zn 2'
#
# COMPACT_ATOMS: atom_id res chain seq x y z
N MET A 1 31.55 -16.22 -7.17
CA MET A 1 30.23 -15.98 -7.74
C MET A 1 29.44 -14.98 -6.91
N ILE A 2 29.00 -13.94 -7.58
CA ILE A 2 28.21 -12.94 -6.92
C ILE A 2 26.76 -13.26 -7.18
N ASP A 3 25.95 -13.22 -6.14
CA ASP A 3 24.53 -13.49 -6.30
C ASP A 3 23.78 -12.22 -6.70
N TYR A 4 23.01 -12.25 -7.80
CA TYR A 4 22.27 -11.07 -8.21
C TYR A 4 20.83 -11.46 -8.37
N THR A 5 20.51 -12.62 -7.79
CA THR A 5 19.18 -13.19 -7.89
C THR A 5 18.10 -12.34 -7.31
N ALA A 6 18.43 -11.56 -6.30
CA ALA A 6 17.38 -10.72 -5.75
C ALA A 6 16.62 -9.92 -6.86
N ALA A 7 17.36 -9.46 -7.88
CA ALA A 7 16.80 -8.66 -8.96
C ALA A 7 15.68 -9.32 -9.74
N GLY A 8 15.67 -10.65 -9.80
CA GLY A 8 14.61 -11.26 -10.54
C GLY A 8 14.77 -10.89 -12.02
N PHE A 9 16.00 -10.94 -12.52
CA PHE A 9 16.22 -10.58 -13.92
C PHE A 9 15.63 -11.61 -14.89
N THR A 10 14.76 -11.11 -15.74
CA THR A 10 14.12 -11.91 -16.75
C THR A 10 14.05 -11.14 -18.05
N LEU A 11 14.43 -11.85 -19.09
CA LEU A 11 14.39 -11.28 -20.40
C LEU A 11 13.57 -12.13 -21.35
N LEU A 12 12.55 -11.48 -21.84
CA LEU A 12 11.61 -12.04 -22.72
C LEU A 12 12.07 -11.70 -24.12
N GLN A 13 12.49 -12.76 -24.81
CA GLN A 13 13.06 -12.70 -26.12
C GLN A 13 12.24 -13.13 -27.31
N GLY A 14 12.29 -12.22 -28.26
CA GLY A 14 11.78 -12.23 -29.61
C GLY A 14 10.34 -12.51 -29.92
N ALA A 15 9.44 -11.92 -29.19
CA ALA A 15 8.07 -12.18 -29.50
C ALA A 15 7.51 -10.99 -30.29
N HIS A 16 6.35 -11.17 -30.89
CA HIS A 16 5.77 -10.06 -31.57
C HIS A 16 4.96 -9.38 -30.48
N LEU A 17 5.39 -8.17 -30.20
CA LEU A 17 4.85 -7.36 -29.12
C LEU A 17 3.80 -6.38 -29.52
N TYR A 18 2.74 -6.36 -28.74
CA TYR A 18 1.60 -5.47 -28.84
C TYR A 18 1.52 -4.79 -27.48
N ALA A 19 2.06 -3.58 -27.39
CA ALA A 19 2.15 -2.84 -26.15
C ALA A 19 0.97 -2.20 -25.42
N PRO A 20 -0.30 -2.27 -25.84
CA PRO A 20 -0.87 -2.95 -26.98
C PRO A 20 -0.30 -2.51 -28.35
N GLU A 21 0.09 -1.23 -28.55
CA GLU A 21 0.64 -0.77 -29.82
C GLU A 21 1.59 -1.79 -30.45
N ASP A 22 1.40 -2.06 -31.76
CA ASP A 22 2.29 -3.03 -32.41
C ASP A 22 3.73 -2.55 -32.41
N ARG A 23 4.59 -3.27 -31.75
CA ARG A 23 5.98 -2.91 -31.69
C ARG A 23 6.86 -3.90 -32.47
N GLY A 24 6.15 -4.73 -33.22
CA GLY A 24 6.76 -5.76 -34.01
C GLY A 24 7.51 -6.71 -33.09
N ILE A 25 8.56 -7.30 -33.61
CA ILE A 25 9.33 -8.19 -32.78
C ILE A 25 10.25 -7.39 -31.92
N CYS A 26 9.96 -7.45 -30.64
CA CYS A 26 10.69 -6.69 -29.67
C CYS A 26 10.95 -7.47 -28.42
N ASP A 27 12.04 -7.09 -27.75
CA ASP A 27 12.42 -7.71 -26.50
C ASP A 27 11.86 -6.94 -25.28
N VAL A 28 11.81 -7.63 -24.14
CA VAL A 28 11.36 -7.05 -22.88
C VAL A 28 12.25 -7.53 -21.75
N LEU A 29 12.83 -6.57 -21.04
CA LEU A 29 13.69 -6.83 -19.91
C LEU A 29 12.97 -6.38 -18.62
N VAL A 30 12.89 -7.33 -17.69
CA VAL A 30 12.23 -7.12 -16.41
C VAL A 30 13.16 -7.30 -15.22
N ALA A 31 12.80 -6.55 -14.19
CA ALA A 31 13.54 -6.54 -12.94
C ALA A 31 12.65 -6.02 -11.85
N ASN A 32 12.74 -6.71 -10.71
CA ASN A 32 11.96 -6.34 -9.55
C ASN A 32 10.53 -6.19 -9.93
N GLY A 33 10.07 -6.99 -10.87
CA GLY A 33 8.67 -6.87 -11.17
C GLY A 33 8.37 -5.69 -12.01
N LYS A 34 9.41 -4.99 -12.44
CA LYS A 34 9.21 -3.85 -13.31
C LYS A 34 9.78 -4.10 -14.70
N ILE A 35 9.20 -3.38 -15.65
CA ILE A 35 9.68 -3.47 -17.02
C ILE A 35 10.80 -2.48 -17.10
N ILE A 36 12.02 -2.96 -17.24
CA ILE A 36 13.03 -1.95 -17.24
C ILE A 36 13.52 -1.48 -18.60
N ALA A 37 13.19 -2.27 -19.62
CA ALA A 37 13.60 -1.93 -20.96
C ALA A 37 12.88 -2.70 -22.02
N VAL A 38 12.54 -1.98 -23.06
CA VAL A 38 11.86 -2.60 -24.19
C VAL A 38 12.59 -2.18 -25.45
N ALA A 39 13.13 -3.15 -26.16
CA ALA A 39 13.84 -2.82 -27.37
C ALA A 39 14.16 -4.05 -28.17
N SER A 40 14.47 -3.81 -29.42
CA SER A 40 14.83 -4.93 -30.27
C SER A 40 16.24 -5.39 -29.91
N ASN A 41 16.42 -6.69 -29.86
CA ASN A 41 17.75 -7.20 -29.58
C ASN A 41 18.51 -6.70 -28.35
N ILE A 42 18.14 -7.30 -27.22
CA ILE A 42 18.78 -7.02 -25.96
C ILE A 42 19.73 -8.17 -25.69
N PRO A 43 20.91 -7.78 -25.29
CA PRO A 43 21.96 -8.71 -24.97
C PRO A 43 21.61 -9.63 -23.84
N SER A 44 21.45 -10.90 -24.14
CA SER A 44 21.14 -11.85 -23.08
C SER A 44 22.11 -11.76 -21.89
N ASP A 45 23.24 -11.08 -22.08
CA ASP A 45 24.23 -11.00 -21.05
C ASP A 45 24.32 -9.62 -20.43
N ILE A 46 23.46 -8.72 -20.90
CA ILE A 46 23.38 -7.35 -20.42
C ILE A 46 23.29 -7.25 -18.86
N VAL A 47 22.66 -8.25 -18.25
CA VAL A 47 22.54 -8.34 -16.81
C VAL A 47 22.83 -9.74 -16.30
N PRO A 48 23.43 -9.77 -15.12
CA PRO A 48 23.79 -10.99 -14.43
C PRO A 48 22.58 -11.85 -14.04
N ASN A 49 22.84 -13.11 -13.70
CA ASN A 49 21.78 -14.00 -13.24
C ASN A 49 20.45 -13.78 -13.95
N CYS A 50 20.50 -13.59 -15.25
CA CYS A 50 19.26 -13.37 -16.00
C CYS A 50 18.62 -14.67 -16.44
N THR A 51 17.30 -14.63 -16.46
CA THR A 51 16.54 -15.76 -16.90
C THR A 51 16.06 -15.39 -18.29
N VAL A 52 16.53 -16.14 -19.26
CA VAL A 52 16.16 -15.81 -20.61
C VAL A 52 15.05 -16.68 -21.11
N VAL A 53 14.07 -16.01 -21.71
CA VAL A 53 12.91 -16.71 -22.23
C VAL A 53 12.73 -16.50 -23.73
N ASP A 54 12.72 -17.62 -24.48
CA ASP A 54 12.55 -17.53 -25.93
C ASP A 54 11.07 -17.47 -26.34
N LEU A 55 10.59 -16.30 -26.75
CA LEU A 55 9.17 -16.16 -27.13
C LEU A 55 8.94 -16.13 -28.63
N SER A 56 10.03 -16.46 -29.28
CA SER A 56 10.01 -16.53 -30.72
C SER A 56 8.78 -17.33 -31.18
N GLY A 57 8.07 -16.77 -32.10
CA GLY A 57 6.91 -17.47 -32.60
C GLY A 57 5.66 -17.02 -31.88
N GLN A 58 5.87 -16.37 -30.73
CA GLN A 58 4.73 -15.92 -29.97
C GLN A 58 4.46 -14.45 -29.90
N ILE A 59 3.31 -14.18 -29.27
CA ILE A 59 2.78 -12.86 -29.04
C ILE A 59 2.87 -12.48 -27.58
N LEU A 60 3.30 -11.28 -27.37
CA LEU A 60 3.37 -10.84 -26.01
C LEU A 60 2.57 -9.56 -25.88
N CYS A 61 1.78 -9.47 -24.81
CA CYS A 61 0.97 -8.28 -24.59
C CYS A 61 0.67 -8.01 -23.11
N PRO A 62 -0.06 -6.93 -22.88
CA PRO A 62 -0.34 -6.60 -21.53
C PRO A 62 -1.41 -7.49 -20.90
N GLY A 63 -1.29 -7.72 -19.60
CA GLY A 63 -2.28 -8.53 -18.91
C GLY A 63 -3.56 -7.76 -18.77
N PHE A 64 -4.68 -8.48 -18.78
CA PHE A 64 -5.98 -7.84 -18.64
C PHE A 64 -6.34 -7.30 -17.24
N ILE A 65 -7.06 -6.20 -17.29
CA ILE A 65 -7.67 -5.50 -16.21
C ILE A 65 -9.20 -5.73 -16.30
N ASP A 66 -9.71 -6.50 -15.36
CA ASP A 66 -11.15 -6.76 -15.29
C ASP A 66 -11.73 -5.94 -14.14
N GLN A 67 -12.42 -4.88 -14.46
CA GLN A 67 -12.90 -4.04 -13.39
C GLN A 67 -14.27 -4.38 -12.89
N HIS A 68 -14.71 -5.62 -12.97
CA HIS A 68 -16.05 -5.88 -12.52
C HIS A 68 -16.21 -7.31 -12.08
N VAL A 69 -15.66 -7.59 -10.94
CA VAL A 69 -15.73 -8.93 -10.46
C VAL A 69 -16.27 -9.01 -9.04
N HIS A 70 -17.05 -10.04 -8.81
CA HIS A 70 -17.59 -10.30 -7.49
C HIS A 70 -16.64 -11.19 -6.74
N LEU A 71 -15.51 -10.58 -6.36
CA LEU A 71 -14.41 -11.25 -5.69
C LEU A 71 -14.80 -12.26 -4.61
N ILE A 72 -15.70 -11.83 -3.72
CA ILE A 72 -16.12 -12.66 -2.60
C ILE A 72 -17.37 -13.45 -2.88
N GLY A 73 -17.90 -13.32 -4.07
CA GLY A 73 -19.12 -14.03 -4.39
C GLY A 73 -20.21 -13.01 -4.51
N GLY A 74 -21.35 -13.48 -5.01
CA GLY A 74 -22.48 -12.62 -5.21
C GLY A 74 -23.70 -13.49 -5.21
N GLY A 75 -24.60 -13.15 -6.12
CA GLY A 75 -25.83 -13.89 -6.21
C GLY A 75 -26.75 -13.64 -5.02
N GLY A 76 -27.65 -14.60 -4.74
CA GLY A 76 -28.59 -14.48 -3.67
C GLY A 76 -29.98 -14.09 -4.12
N GLU A 77 -30.12 -13.73 -5.39
CA GLU A 77 -31.39 -13.29 -5.95
C GLU A 77 -32.51 -14.30 -5.87
N ALA A 78 -32.17 -15.53 -5.64
CA ALA A 78 -33.22 -16.48 -5.50
C ALA A 78 -33.00 -17.25 -4.23
N GLY A 79 -32.80 -16.56 -3.12
CA GLY A 79 -32.56 -17.35 -1.94
C GLY A 79 -31.07 -17.56 -1.73
N PRO A 80 -30.79 -17.94 -0.47
CA PRO A 80 -29.46 -18.16 0.07
C PRO A 80 -28.67 -19.23 -0.64
N THR A 81 -29.42 -20.13 -1.30
CA THR A 81 -28.72 -21.21 -2.02
C THR A 81 -28.03 -20.66 -3.27
N THR A 82 -28.46 -19.47 -3.67
CA THR A 82 -27.88 -18.83 -4.85
C THR A 82 -26.74 -17.90 -4.63
N ARG A 83 -26.18 -17.87 -3.42
CA ARG A 83 -25.07 -16.98 -3.17
C ARG A 83 -23.83 -17.61 -3.84
N THR A 84 -23.19 -16.95 -4.78
CA THR A 84 -22.06 -17.59 -5.38
C THR A 84 -20.87 -17.53 -4.47
N PRO A 85 -19.89 -18.30 -4.84
CA PRO A 85 -18.61 -18.48 -4.12
C PRO A 85 -17.54 -17.45 -4.49
N GLU A 86 -16.54 -17.33 -3.63
CA GLU A 86 -15.49 -16.38 -3.88
C GLU A 86 -14.75 -16.79 -5.11
N VAL A 87 -13.89 -15.88 -5.52
CA VAL A 87 -13.13 -16.08 -6.72
C VAL A 87 -11.80 -16.67 -6.36
N ALA A 88 -11.34 -17.61 -7.19
CA ALA A 88 -10.04 -18.21 -6.97
C ALA A 88 -8.99 -17.62 -7.84
N LEU A 89 -7.88 -17.35 -7.18
CA LEU A 89 -6.77 -16.77 -7.87
C LEU A 89 -6.58 -17.37 -9.26
N SER A 90 -6.23 -18.65 -9.28
CA SER A 90 -5.96 -19.34 -10.52
C SER A 90 -7.00 -19.09 -11.63
N ARG A 91 -8.22 -18.91 -11.18
CA ARG A 91 -9.28 -18.66 -12.13
C ARG A 91 -9.05 -17.39 -12.93
N LEU A 92 -8.50 -16.44 -12.20
CA LEU A 92 -8.23 -15.15 -12.79
C LEU A 92 -7.07 -15.16 -13.76
N THR A 93 -5.94 -15.59 -13.23
CA THR A 93 -4.72 -15.67 -13.97
C THR A 93 -4.89 -16.47 -15.24
N GLU A 94 -5.41 -17.69 -15.10
CA GLU A 94 -5.67 -18.54 -16.25
C GLU A 94 -6.46 -17.80 -17.31
N ALA A 95 -7.36 -16.92 -16.91
CA ALA A 95 -8.13 -16.15 -17.88
C ALA A 95 -7.39 -14.90 -18.40
N GLY A 96 -6.14 -14.71 -18.02
CA GLY A 96 -5.38 -13.55 -18.46
C GLY A 96 -5.53 -12.31 -17.60
N VAL A 97 -6.25 -12.45 -16.49
CA VAL A 97 -6.45 -11.33 -15.59
C VAL A 97 -5.31 -11.17 -14.62
N THR A 98 -4.70 -10.00 -14.63
CA THR A 98 -3.59 -9.64 -13.77
C THR A 98 -3.91 -8.49 -12.83
N SER A 99 -4.98 -7.78 -13.19
CA SER A 99 -5.44 -6.63 -12.46
C SER A 99 -6.93 -6.74 -12.37
N VAL A 100 -7.49 -6.55 -11.18
CA VAL A 100 -8.91 -6.64 -10.98
C VAL A 100 -9.54 -5.55 -10.06
N VAL A 101 -10.83 -5.23 -10.32
CA VAL A 101 -11.58 -4.31 -9.52
C VAL A 101 -12.76 -5.06 -8.92
N GLY A 102 -12.76 -5.27 -7.60
CA GLY A 102 -13.82 -6.03 -6.93
C GLY A 102 -14.95 -5.15 -6.48
N LEU A 103 -16.15 -5.73 -6.50
CA LEU A 103 -17.35 -5.01 -6.10
C LEU A 103 -18.42 -5.96 -5.62
N LEU A 104 -19.48 -5.36 -5.08
CA LEU A 104 -20.66 -6.01 -4.54
C LEU A 104 -21.86 -5.77 -5.43
N GLY A 105 -22.94 -6.51 -5.25
CA GLY A 105 -24.03 -6.27 -6.12
C GLY A 105 -25.31 -6.12 -5.45
N THR A 106 -26.24 -7.01 -5.83
CA THR A 106 -27.55 -6.95 -5.26
C THR A 106 -27.55 -7.06 -3.74
N ASP A 107 -26.92 -8.09 -3.25
CA ASP A 107 -26.92 -8.36 -1.84
C ASP A 107 -25.83 -7.71 -1.06
N SER A 108 -26.26 -6.79 -0.24
CA SER A 108 -25.38 -6.09 0.66
C SER A 108 -25.86 -6.35 2.08
N ILE A 109 -26.40 -7.52 2.33
CA ILE A 109 -26.87 -7.92 3.66
C ILE A 109 -26.04 -9.07 4.18
N SER A 110 -25.73 -10.00 3.27
CA SER A 110 -24.93 -11.13 3.64
C SER A 110 -23.52 -10.91 3.18
N ARG A 111 -23.34 -9.79 2.45
CA ARG A 111 -22.06 -9.39 1.88
C ARG A 111 -21.66 -8.02 2.40
N HIS A 112 -20.38 -7.89 2.76
CA HIS A 112 -19.88 -6.67 3.35
C HIS A 112 -18.58 -6.19 2.73
N PRO A 113 -18.44 -4.87 2.71
CA PRO A 113 -17.26 -4.26 2.14
C PRO A 113 -16.00 -4.66 2.88
N GLU A 114 -16.10 -4.92 4.17
CA GLU A 114 -14.95 -5.33 4.91
C GLU A 114 -14.50 -6.66 4.40
N SER A 115 -15.45 -7.51 4.03
CA SER A 115 -15.05 -8.82 3.53
C SER A 115 -14.34 -8.63 2.20
N LEU A 116 -14.96 -7.79 1.36
CA LEU A 116 -14.43 -7.51 0.07
C LEU A 116 -13.02 -6.93 0.18
N LEU A 117 -12.87 -6.05 1.14
CA LEU A 117 -11.61 -5.41 1.34
C LEU A 117 -10.55 -6.40 1.66
N ALA A 118 -10.87 -7.33 2.55
CA ALA A 118 -9.89 -8.34 2.90
C ALA A 118 -9.54 -9.22 1.71
N LYS A 119 -10.53 -9.57 0.95
CA LYS A 119 -10.26 -10.46 -0.15
C LYS A 119 -9.32 -9.83 -1.18
N THR A 120 -9.54 -8.55 -1.38
CA THR A 120 -8.74 -7.71 -2.29
C THR A 120 -7.26 -7.71 -1.81
N ARG A 121 -7.03 -7.51 -0.51
CA ARG A 121 -5.63 -7.53 -0.08
C ARG A 121 -4.99 -8.89 -0.24
N ALA A 122 -5.79 -9.92 0.01
CA ALA A 122 -5.24 -11.25 -0.10
C ALA A 122 -4.69 -11.50 -1.51
N LEU A 123 -5.44 -10.99 -2.52
CA LEU A 123 -5.09 -11.11 -3.95
C LEU A 123 -3.83 -10.37 -4.30
N ASN A 124 -3.67 -9.21 -3.66
CA ASN A 124 -2.45 -8.49 -3.91
C ASN A 124 -1.33 -9.30 -3.32
N GLU A 125 -1.58 -9.81 -2.11
CA GLU A 125 -0.57 -10.57 -1.42
C GLU A 125 -0.17 -11.80 -2.23
N GLU A 126 -1.17 -12.41 -2.82
CA GLU A 126 -0.90 -13.59 -3.61
C GLU A 126 -0.20 -13.32 -4.94
N GLY A 127 -0.24 -12.13 -5.51
CA GLY A 127 0.51 -12.05 -6.75
C GLY A 127 -0.08 -11.14 -7.81
N ILE A 128 -1.35 -10.83 -7.66
CA ILE A 128 -1.91 -9.95 -8.67
C ILE A 128 -2.21 -8.57 -8.14
N SER A 129 -2.96 -7.80 -8.88
CA SER A 129 -3.25 -6.47 -8.43
C SER A 129 -4.73 -6.32 -8.27
N ALA A 130 -5.15 -5.78 -7.12
CA ALA A 130 -6.60 -5.68 -6.85
C ALA A 130 -7.03 -4.45 -6.11
N TRP A 131 -8.20 -3.92 -6.47
CA TRP A 131 -8.79 -2.76 -5.86
C TRP A 131 -10.27 -3.05 -5.73
N MET A 132 -10.99 -2.14 -5.11
CA MET A 132 -12.40 -2.33 -5.01
C MET A 132 -13.14 -1.00 -5.01
N LEU A 133 -14.44 -1.16 -5.13
CA LEU A 133 -15.45 -0.12 -5.10
C LEU A 133 -16.26 -0.26 -3.83
N THR A 134 -16.57 0.84 -3.18
CA THR A 134 -17.36 0.76 -1.99
C THR A 134 -18.83 0.80 -2.44
N GLY A 135 -19.76 0.68 -1.51
CA GLY A 135 -21.17 0.64 -1.90
C GLY A 135 -21.59 -0.72 -2.47
N ALA A 136 -22.81 -0.75 -3.05
CA ALA A 136 -23.45 -1.88 -3.70
C ALA A 136 -24.70 -1.38 -4.43
N TYR A 137 -25.61 -2.27 -4.82
CA TYR A 137 -26.79 -1.75 -5.47
C TYR A 137 -27.43 -0.69 -4.63
N HIS A 138 -27.51 -0.98 -3.32
CA HIS A 138 -28.14 -0.09 -2.37
C HIS A 138 -27.67 1.34 -2.30
N VAL A 139 -28.65 2.20 -2.27
CA VAL A 139 -28.48 3.63 -2.15
C VAL A 139 -29.52 4.09 -1.15
N PRO A 140 -29.08 4.81 -0.11
CA PRO A 140 -27.69 5.17 0.12
C PRO A 140 -26.73 4.02 0.32
N SER A 141 -25.48 4.32 -0.05
CA SER A 141 -24.39 3.35 0.03
C SER A 141 -24.11 2.75 1.39
N ARG A 142 -23.78 1.46 1.43
CA ARG A 142 -23.35 0.80 2.64
C ARG A 142 -21.81 0.85 2.63
N THR A 143 -21.19 1.61 3.51
CA THR A 143 -19.75 1.74 3.48
C THR A 143 -19.03 1.16 4.68
N ILE A 144 -17.71 1.20 4.58
CA ILE A 144 -16.86 0.75 5.64
C ILE A 144 -16.75 1.80 6.72
N THR A 145 -16.47 3.06 6.33
CA THR A 145 -16.25 4.07 7.38
C THR A 145 -17.44 4.91 7.68
N GLY A 146 -18.52 4.63 6.96
CA GLY A 146 -19.72 5.36 7.19
C GLY A 146 -19.95 6.50 6.24
N SER A 147 -18.99 6.79 5.40
CA SER A 147 -19.14 7.85 4.45
C SER A 147 -18.44 7.41 3.18
N VAL A 148 -19.06 7.67 2.03
CA VAL A 148 -18.49 7.32 0.72
C VAL A 148 -17.21 8.09 0.51
N GLU A 149 -17.28 9.38 0.83
CA GLU A 149 -16.16 10.27 0.67
C GLU A 149 -14.97 9.78 1.49
N LYS A 150 -15.23 9.46 2.75
CA LYS A 150 -14.24 8.95 3.69
C LYS A 150 -13.63 7.65 3.25
N ASP A 151 -14.49 6.74 2.75
CA ASP A 151 -13.98 5.46 2.26
C ASP A 151 -13.06 5.64 1.07
N VAL A 152 -13.49 6.46 0.09
CA VAL A 152 -12.63 6.71 -1.07
C VAL A 152 -11.38 7.45 -0.64
N ALA A 153 -11.51 8.34 0.32
CA ALA A 153 -10.31 9.05 0.67
C ALA A 153 -9.33 8.29 1.50
N ILE A 154 -9.82 7.53 2.45
CA ILE A 154 -8.89 6.89 3.34
C ILE A 154 -8.69 5.42 3.24
N ILE A 155 -9.46 4.67 2.49
CA ILE A 155 -9.09 3.26 2.48
C ILE A 155 -8.37 3.04 1.19
N ASP A 156 -7.11 2.73 1.35
CA ASP A 156 -6.22 2.50 0.25
C ASP A 156 -6.73 1.73 -0.93
N ARG A 157 -7.53 0.67 -0.76
CA ARG A 157 -7.94 -0.12 -1.95
C ARG A 157 -9.18 0.35 -2.64
N VAL A 158 -9.89 1.28 -1.98
CA VAL A 158 -11.13 1.77 -2.53
C VAL A 158 -10.86 2.86 -3.55
N ILE A 159 -11.37 2.62 -4.78
CA ILE A 159 -11.17 3.59 -5.86
C ILE A 159 -12.41 4.34 -6.28
N GLY A 160 -13.55 3.96 -5.71
CA GLY A 160 -14.78 4.66 -6.07
C GLY A 160 -15.98 3.96 -5.50
N VAL A 161 -17.13 4.29 -6.04
CA VAL A 161 -18.33 3.68 -5.48
C VAL A 161 -19.21 3.05 -6.52
N KCX A 162 -19.95 2.05 -6.05
CA KCX A 162 -20.86 1.32 -6.89
CB KCX A 162 -20.52 -0.18 -6.82
CG KCX A 162 -21.69 -1.08 -7.18
CD KCX A 162 -21.58 -1.62 -8.59
CE KCX A 162 -22.84 -2.29 -9.05
NZ KCX A 162 -22.76 -3.74 -8.86
C KCX A 162 -22.31 1.63 -6.51
O KCX A 162 -22.59 2.04 -5.40
CX KCX A 162 -22.70 -4.46 -10.14
OQ1 KCX A 162 -22.72 -5.75 -10.02
OQ2 KCX A 162 -22.78 -3.87 -11.21
N CYS A 163 -23.24 1.45 -7.47
CA CYS A 163 -24.67 1.66 -7.27
C CYS A 163 -25.47 0.99 -8.38
N ALA A 164 -26.81 0.99 -8.27
CA ALA A 164 -27.67 0.44 -9.30
C ALA A 164 -28.79 1.41 -9.55
N ILE A 165 -29.14 1.54 -10.83
CA ILE A 165 -30.23 2.36 -11.33
C ILE A 165 -30.99 1.61 -12.42
N SER A 166 -32.21 2.08 -12.73
CA SER A 166 -33.08 1.53 -13.75
C SER A 166 -33.16 0.02 -13.72
N ASP A 167 -33.40 -0.49 -12.52
CA ASP A 167 -33.48 -1.92 -12.31
C ASP A 167 -34.57 -2.27 -11.26
N HIS A 168 -35.22 -3.40 -11.44
CA HIS A 168 -36.24 -3.78 -10.47
C HIS A 168 -35.61 -4.25 -9.13
N ARG A 169 -34.28 -4.18 -9.05
CA ARG A 169 -33.50 -4.57 -7.88
C ARG A 169 -32.87 -3.35 -7.22
N SER A 170 -33.19 -2.15 -7.73
CA SER A 170 -32.66 -0.89 -7.22
C SER A 170 -33.27 -0.47 -5.88
N ALA A 171 -32.70 0.59 -5.28
CA ALA A 171 -33.15 1.11 -4.00
C ALA A 171 -34.14 2.27 -4.19
N ALA A 172 -34.46 2.57 -5.46
CA ALA A 172 -35.33 3.66 -5.82
C ALA A 172 -34.75 5.02 -5.44
N PRO A 173 -33.41 5.15 -5.58
CA PRO A 173 -32.74 6.40 -5.27
C PRO A 173 -33.34 7.53 -6.04
N ASP A 174 -33.25 8.69 -5.44
CA ASP A 174 -33.73 9.85 -6.12
C ASP A 174 -32.50 10.56 -6.62
N VAL A 175 -32.68 11.70 -7.24
CA VAL A 175 -31.52 12.36 -7.80
C VAL A 175 -30.55 12.90 -6.76
N TYR A 176 -31.12 13.43 -5.68
CA TYR A 176 -30.23 13.99 -4.67
C TYR A 176 -29.29 12.92 -4.17
N HIS A 177 -29.89 11.78 -3.89
CA HIS A 177 -29.10 10.70 -3.38
C HIS A 177 -28.01 10.33 -4.35
N LEU A 178 -28.36 10.23 -5.62
CA LEU A 178 -27.33 9.89 -6.59
C LEU A 178 -26.19 10.88 -6.68
N ALA A 179 -26.58 12.12 -6.89
CA ALA A 179 -25.66 13.21 -7.03
C ALA A 179 -24.67 13.29 -5.86
N ASN A 180 -25.21 13.30 -4.64
CA ASN A 180 -24.40 13.37 -3.46
C ASN A 180 -23.33 12.30 -3.43
N MET A 181 -23.78 11.09 -3.69
CA MET A 181 -22.89 9.96 -3.67
C MET A 181 -21.77 10.14 -4.67
N ALA A 182 -22.13 10.42 -5.90
CA ALA A 182 -21.08 10.61 -6.88
C ALA A 182 -20.14 11.76 -6.50
N ALA A 183 -20.71 12.76 -5.83
CA ALA A 183 -19.93 13.94 -5.45
C ALA A 183 -18.88 13.62 -4.43
N GLU A 184 -19.36 12.74 -3.57
CA GLU A 184 -18.58 12.25 -2.47
C GLU A 184 -17.43 11.46 -2.98
N SER A 185 -17.76 10.61 -3.94
CA SER A 185 -16.77 9.74 -4.57
C SER A 185 -15.76 10.59 -5.28
N ARG A 186 -16.31 11.62 -5.94
CA ARG A 186 -15.49 12.51 -6.67
C ARG A 186 -14.43 13.14 -5.80
N VAL A 187 -14.91 13.73 -4.74
CA VAL A 187 -14.07 14.39 -3.81
C VAL A 187 -13.13 13.46 -3.06
N GLY A 188 -13.65 12.30 -2.65
CA GLY A 188 -12.74 11.43 -1.94
C GLY A 188 -11.60 11.10 -2.88
N GLY A 189 -11.89 10.90 -4.14
CA GLY A 189 -10.80 10.55 -5.06
C GLY A 189 -9.69 11.60 -5.04
N LEU A 190 -10.07 12.89 -5.05
CA LEU A 190 -9.09 13.97 -5.06
C LEU A 190 -8.21 13.91 -3.84
N LEU A 191 -8.85 13.73 -2.70
CA LEU A 191 -8.12 13.66 -1.46
C LEU A 191 -7.24 12.43 -1.35
N GLY A 192 -7.73 11.31 -1.83
CA GLY A 192 -6.98 10.10 -1.68
C GLY A 192 -6.17 9.72 -2.88
N GLY A 193 -6.18 10.57 -3.88
CA GLY A 193 -5.43 10.17 -5.05
C GLY A 193 -6.10 8.99 -5.78
N LYS A 194 -7.39 8.94 -5.78
CA LYS A 194 -8.10 7.86 -6.46
C LYS A 194 -8.89 8.44 -7.62
N PRO A 195 -9.30 7.56 -8.51
CA PRO A 195 -10.08 8.00 -9.63
C PRO A 195 -11.35 8.68 -9.19
N GLY A 196 -11.96 8.23 -8.11
CA GLY A 196 -13.18 8.82 -7.64
C GLY A 196 -14.36 8.58 -8.56
N VAL A 197 -14.44 7.39 -9.09
CA VAL A 197 -15.55 7.12 -9.99
C VAL A 197 -16.78 6.56 -9.33
N THR A 198 -17.83 6.62 -10.11
CA THR A 198 -19.12 6.12 -9.71
C THR A 198 -19.55 5.20 -10.83
N VAL A 199 -19.75 3.93 -10.50
CA VAL A 199 -20.15 2.93 -11.48
C VAL A 199 -21.63 2.63 -11.36
N PHE A 200 -22.37 2.81 -12.44
CA PHE A 200 -23.82 2.55 -12.43
C PHE A 200 -24.15 1.23 -13.02
N HIS A 201 -24.76 0.36 -12.21
CA HIS A 201 -25.21 -0.92 -12.74
C HIS A 201 -26.48 -0.60 -13.47
N MET A 202 -26.61 -0.97 -14.75
CA MET A 202 -27.81 -0.64 -15.52
C MET A 202 -28.76 -1.81 -15.51
N GLY A 203 -30.06 -1.53 -15.33
CA GLY A 203 -31.05 -2.60 -15.29
C GLY A 203 -31.74 -2.58 -16.64
N ASP A 204 -32.91 -3.19 -16.74
CA ASP A 204 -33.65 -3.22 -17.99
C ASP A 204 -34.84 -2.30 -17.95
N SER A 205 -34.75 -1.21 -17.18
CA SER A 205 -35.88 -0.30 -17.14
C SER A 205 -35.88 0.64 -18.33
N LYS A 206 -37.07 1.10 -18.74
CA LYS A 206 -37.23 2.00 -19.86
C LYS A 206 -36.57 3.35 -19.64
N LYS A 207 -36.45 3.76 -18.39
CA LYS A 207 -35.83 5.04 -18.13
C LYS A 207 -34.33 5.05 -18.57
N ALA A 208 -33.76 3.87 -18.76
CA ALA A 208 -32.38 3.75 -19.18
C ALA A 208 -31.37 4.71 -18.52
N LEU A 209 -30.74 5.66 -19.26
CA LEU A 209 -29.72 6.54 -18.68
C LEU A 209 -30.17 7.84 -18.08
N GLN A 210 -31.46 8.04 -18.10
CA GLN A 210 -32.01 9.27 -17.58
C GLN A 210 -31.37 9.77 -16.30
N PRO A 211 -31.40 8.90 -15.29
CA PRO A 211 -30.90 9.22 -13.98
C PRO A 211 -29.50 9.78 -14.07
N ILE A 212 -28.71 9.29 -15.03
CA ILE A 212 -27.36 9.82 -15.17
C ILE A 212 -27.39 11.23 -15.73
N TYR A 213 -28.36 11.46 -16.57
CA TYR A 213 -28.47 12.79 -17.15
C TYR A 213 -28.98 13.84 -16.21
N ASP A 214 -30.04 13.47 -15.52
CA ASP A 214 -30.61 14.33 -14.50
C ASP A 214 -29.46 14.74 -13.57
N LEU A 215 -28.78 13.72 -13.09
CA LEU A 215 -27.66 13.86 -12.21
C LEU A 215 -26.73 14.94 -12.70
N LEU A 216 -26.40 14.81 -13.97
CA LEU A 216 -25.51 15.73 -14.59
C LEU A 216 -25.96 17.17 -14.42
N GLU A 217 -27.26 17.38 -14.50
CA GLU A 217 -27.78 18.72 -14.31
C GLU A 217 -27.89 19.14 -12.86
N ASN A 218 -27.77 18.17 -11.95
CA ASN A 218 -27.88 18.46 -10.54
C ASN A 218 -26.58 18.39 -9.79
N CYS A 219 -25.48 18.46 -10.50
CA CYS A 219 -24.18 18.43 -9.89
C CYS A 219 -23.07 18.77 -10.88
N ASP A 220 -21.88 19.04 -10.35
CA ASP A 220 -20.73 19.44 -11.12
C ASP A 220 -19.71 18.34 -11.22
N VAL A 221 -20.21 17.13 -11.15
CA VAL A 221 -19.33 15.98 -11.33
C VAL A 221 -19.09 15.76 -12.83
N PRO A 222 -17.81 15.73 -13.18
CA PRO A 222 -17.40 15.52 -14.56
C PRO A 222 -17.94 14.22 -15.15
N ILE A 223 -18.43 14.33 -16.37
CA ILE A 223 -18.97 13.15 -17.03
C ILE A 223 -17.91 12.07 -17.12
N SER A 224 -16.63 12.45 -17.07
CA SER A 224 -15.56 11.45 -17.12
C SER A 224 -15.49 10.54 -15.89
N LYS A 225 -16.24 10.85 -14.82
CA LYS A 225 -16.22 10.01 -13.62
C LYS A 225 -17.35 8.97 -13.53
N LEU A 226 -18.22 9.04 -14.51
CA LEU A 226 -19.40 8.18 -14.51
C LEU A 226 -19.37 7.00 -15.41
N LEU A 227 -19.50 5.83 -14.81
CA LEU A 227 -19.45 4.63 -15.63
C LEU A 227 -20.70 3.77 -15.59
N PRO A 228 -21.34 3.68 -16.73
CA PRO A 228 -22.50 2.84 -16.88
C PRO A 228 -21.98 1.49 -17.35
N THR A 229 -22.42 0.44 -16.68
CA THR A 229 -22.00 -0.89 -17.07
C THR A 229 -23.20 -1.71 -17.56
N HIS A 230 -22.93 -2.93 -18.07
CA HIS A 230 -23.94 -3.84 -18.67
C HIS A 230 -24.68 -3.13 -19.81
N VAL A 231 -24.03 -2.21 -20.56
CA VAL A 231 -24.71 -1.42 -21.59
C VAL A 231 -25.41 -2.20 -22.70
N ASN A 232 -24.86 -3.40 -22.97
CA ASN A 232 -25.31 -4.33 -24.00
C ASN A 232 -26.49 -5.18 -23.63
N ARG A 233 -27.08 -4.89 -22.49
CA ARG A 233 -28.17 -5.68 -21.95
C ARG A 233 -29.45 -5.52 -22.71
N ASN A 234 -29.51 -4.40 -23.38
CA ASN A 234 -30.65 -4.12 -24.16
C ASN A 234 -30.38 -3.07 -25.19
N VAL A 235 -31.14 -3.21 -26.23
CA VAL A 235 -30.99 -2.36 -27.38
C VAL A 235 -31.09 -0.89 -27.17
N PRO A 236 -32.24 -0.51 -26.73
CA PRO A 236 -32.47 0.90 -26.49
C PRO A 236 -31.45 1.46 -25.52
N LEU A 237 -31.04 0.65 -24.56
CA LEU A 237 -30.03 1.05 -23.61
C LEU A 237 -28.72 1.17 -24.36
N PHE A 238 -28.36 0.12 -25.07
CA PHE A 238 -27.13 0.19 -25.82
C PHE A 238 -26.98 1.50 -26.62
N GLU A 239 -28.03 1.78 -27.33
CA GLU A 239 -28.12 2.94 -28.13
C GLU A 239 -27.91 4.23 -27.34
N GLN A 240 -28.42 4.36 -26.09
CA GLN A 240 -28.13 5.63 -25.47
C GLN A 240 -26.74 5.70 -24.93
N ALA A 241 -26.24 4.50 -24.69
CA ALA A 241 -24.89 4.41 -24.19
C ALA A 241 -24.03 5.10 -25.23
N LEU A 242 -24.26 4.70 -26.49
CA LEU A 242 -23.50 5.27 -27.61
C LEU A 242 -23.45 6.77 -27.60
N GLU A 243 -24.61 7.39 -27.43
CA GLU A 243 -24.58 8.84 -27.43
C GLU A 243 -23.86 9.33 -26.22
N PHE A 244 -24.06 8.58 -25.14
CA PHE A 244 -23.40 8.94 -23.91
C PHE A 244 -21.87 9.05 -24.16
N ALA A 245 -21.29 8.00 -24.76
CA ALA A 245 -19.86 8.05 -25.03
C ALA A 245 -19.58 9.17 -25.99
N ARG A 246 -20.52 9.39 -26.87
CA ARG A 246 -20.31 10.45 -27.79
C ARG A 246 -20.14 11.79 -27.07
N LYS A 247 -20.83 11.97 -25.96
CA LYS A 247 -20.76 13.21 -25.20
C LYS A 247 -19.51 13.31 -24.38
N GLY A 248 -18.74 12.24 -24.43
CA GLY A 248 -17.47 12.22 -23.73
C GLY A 248 -17.43 11.16 -22.64
N GLY A 249 -18.58 10.55 -22.42
CA GLY A 249 -18.61 9.51 -21.41
C GLY A 249 -17.93 8.26 -21.94
N THR A 250 -17.64 7.37 -21.00
CA THR A 250 -17.01 6.09 -21.24
C THR A 250 -18.03 5.04 -20.83
N ILE A 251 -18.21 3.99 -21.65
CA ILE A 251 -19.16 2.97 -21.33
C ILE A 251 -18.52 1.65 -21.18
N ASP A 252 -19.15 0.85 -20.34
CA ASP A 252 -18.63 -0.46 -20.05
C ASP A 252 -19.53 -1.57 -20.57
N ILE A 253 -18.89 -2.44 -21.33
CA ILE A 253 -19.53 -3.56 -21.91
C ILE A 253 -19.27 -4.84 -21.13
N THR A 254 -20.34 -5.60 -20.89
CA THR A 254 -20.21 -6.82 -20.15
C THR A 254 -20.05 -7.98 -21.07
N SER A 255 -18.92 -8.68 -20.90
CA SER A 255 -18.58 -9.77 -21.78
C SER A 255 -19.36 -11.01 -21.52
N SER A 256 -20.03 -10.99 -20.39
CA SER A 256 -20.77 -12.18 -20.06
C SER A 256 -22.22 -12.14 -20.48
N ILE A 257 -22.55 -11.11 -21.28
CA ILE A 257 -23.88 -10.86 -21.83
C ILE A 257 -23.83 -11.11 -23.34
N ASP A 258 -24.56 -12.14 -23.83
CA ASP A 258 -24.60 -12.53 -25.25
C ASP A 258 -25.67 -11.94 -26.11
N GLU A 259 -26.79 -11.72 -25.47
CA GLU A 259 -27.98 -11.17 -26.06
C GLU A 259 -28.39 -9.96 -25.24
N PRO A 260 -28.98 -8.97 -25.90
CA PRO A 260 -29.19 -8.91 -27.36
C PRO A 260 -27.91 -8.53 -28.14
N VAL A 261 -27.10 -7.68 -27.52
CA VAL A 261 -25.87 -7.25 -28.11
C VAL A 261 -24.75 -8.02 -27.49
N ALA A 262 -24.03 -8.77 -28.30
CA ALA A 262 -22.92 -9.52 -27.82
C ALA A 262 -21.78 -8.56 -27.67
N PRO A 263 -20.83 -8.96 -26.87
CA PRO A 263 -19.72 -8.12 -26.56
C PRO A 263 -18.99 -7.54 -27.74
N ALA A 264 -18.40 -8.44 -28.55
CA ALA A 264 -17.63 -8.03 -29.73
C ALA A 264 -18.46 -7.16 -30.64
N GLU A 265 -19.73 -7.51 -30.71
CA GLU A 265 -20.66 -6.75 -31.48
C GLU A 265 -20.87 -5.35 -30.91
N GLY A 266 -20.86 -5.26 -29.58
CA GLY A 266 -20.99 -3.94 -28.97
C GLY A 266 -19.79 -3.04 -29.30
N ILE A 267 -18.61 -3.62 -29.18
CA ILE A 267 -17.41 -2.86 -29.48
C ILE A 267 -17.35 -2.41 -30.94
N ALA A 268 -17.73 -3.29 -31.86
CA ALA A 268 -17.75 -2.97 -33.28
C ALA A 268 -18.62 -1.74 -33.52
N ARG A 269 -19.85 -1.79 -33.04
CA ARG A 269 -20.66 -0.61 -33.26
C ARG A 269 -20.18 0.65 -32.66
N ALA A 270 -19.43 0.52 -31.60
CA ALA A 270 -18.98 1.71 -30.95
C ALA A 270 -18.20 2.48 -32.00
N VAL A 271 -17.25 1.74 -32.53
CA VAL A 271 -16.34 2.14 -33.57
C VAL A 271 -17.13 2.64 -34.78
N GLN A 272 -18.12 1.86 -35.17
CA GLN A 272 -18.94 2.28 -36.26
C GLN A 272 -19.54 3.65 -35.95
N ALA A 273 -20.06 3.80 -34.74
CA ALA A 273 -20.65 5.07 -34.34
C ALA A 273 -19.63 6.19 -34.19
N GLY A 274 -18.38 5.87 -34.44
CA GLY A 274 -17.29 6.82 -34.37
C GLY A 274 -16.72 7.06 -32.99
N ILE A 275 -16.92 6.06 -32.15
CA ILE A 275 -16.43 6.22 -30.82
C ILE A 275 -15.03 5.69 -30.64
N PRO A 276 -14.19 6.52 -30.03
CA PRO A 276 -12.83 6.13 -29.77
C PRO A 276 -12.74 5.03 -28.69
N LEU A 277 -12.01 4.00 -29.04
CA LEU A 277 -11.82 2.84 -28.18
C LEU A 277 -11.42 3.24 -26.79
N ALA A 278 -10.85 4.41 -26.68
CA ALA A 278 -10.43 4.81 -25.36
C ALA A 278 -11.62 4.95 -24.44
N ARG A 279 -12.73 5.29 -25.02
CA ARG A 279 -13.91 5.44 -24.21
C ARG A 279 -14.75 4.15 -24.11
N VAL A 280 -14.13 2.99 -24.36
CA VAL A 280 -14.87 1.71 -24.32
C VAL A 280 -14.09 0.64 -23.59
N THR A 281 -14.75 0.05 -22.59
CA THR A 281 -14.11 -0.96 -21.79
C THR A 281 -14.93 -2.21 -21.79
N LEU A 282 -14.25 -3.29 -21.39
CA LEU A 282 -14.83 -4.58 -21.30
C LEU A 282 -14.50 -5.19 -19.94
N SER A 283 -15.50 -5.81 -19.33
CA SER A 283 -15.42 -6.41 -17.98
C SER A 283 -16.34 -7.60 -17.94
N SER A 284 -15.93 -8.50 -17.12
CA SER A 284 -16.59 -9.75 -17.01
C SER A 284 -17.87 -9.87 -16.20
N ASP A 285 -17.83 -9.36 -14.98
CA ASP A 285 -18.90 -9.52 -14.04
C ASP A 285 -18.76 -10.97 -13.50
N GLY A 286 -17.53 -11.50 -13.54
CA GLY A 286 -17.22 -12.84 -13.12
C GLY A 286 -17.66 -13.08 -11.71
N ASN A 287 -18.19 -14.27 -11.51
CA ASN A 287 -18.68 -14.68 -10.21
C ASN A 287 -20.01 -14.14 -9.78
N GLY A 288 -20.60 -13.28 -10.60
CA GLY A 288 -21.90 -12.73 -10.32
C GLY A 288 -22.94 -13.75 -10.79
N SER A 289 -24.20 -13.52 -10.49
CA SER A 289 -25.14 -14.48 -10.99
C SER A 289 -25.74 -13.93 -12.30
N GLN A 290 -26.36 -14.84 -13.04
CA GLN A 290 -27.05 -14.62 -14.27
C GLN A 290 -28.51 -14.92 -13.99
N PRO A 291 -29.13 -13.91 -13.36
CA PRO A 291 -30.52 -13.97 -12.96
C PRO A 291 -31.43 -13.50 -14.11
N PHE A 292 -32.35 -14.36 -14.46
CA PHE A 292 -33.23 -13.97 -15.53
C PHE A 292 -34.60 -13.71 -14.95
N PHE A 293 -35.14 -12.53 -15.25
CA PHE A 293 -36.43 -12.24 -14.66
C PHE A 293 -37.53 -12.20 -15.69
N ASP A 294 -38.72 -12.67 -15.27
CA ASP A 294 -39.93 -12.73 -16.06
C ASP A 294 -40.49 -11.33 -16.38
N ASP A 295 -41.81 -11.35 -16.66
CA ASP A 295 -42.66 -10.25 -16.99
C ASP A 295 -43.13 -9.59 -15.69
N GLU A 296 -43.46 -10.43 -14.70
CA GLU A 296 -43.91 -9.90 -13.43
C GLU A 296 -42.78 -9.63 -12.43
N GLY A 297 -41.56 -9.71 -12.95
CA GLY A 297 -40.30 -9.51 -12.26
C GLY A 297 -39.93 -10.75 -11.46
N ASN A 298 -40.36 -11.91 -11.97
CA ASN A 298 -40.10 -13.14 -11.29
C ASN A 298 -38.87 -13.85 -11.83
N LEU A 299 -38.01 -14.35 -10.94
CA LEU A 299 -36.83 -15.06 -11.40
C LEU A 299 -37.28 -16.39 -12.02
N THR A 300 -36.51 -16.81 -13.01
CA THR A 300 -36.73 -18.00 -13.78
C THR A 300 -35.55 -18.92 -13.82
N HIS A 301 -34.54 -18.32 -14.38
CA HIS A 301 -33.30 -18.94 -14.63
C HIS A 301 -32.26 -18.14 -13.86
N ILE A 302 -31.19 -18.80 -13.40
CA ILE A 302 -30.09 -18.19 -12.68
C ILE A 302 -28.78 -18.96 -12.93
N GLY A 303 -27.70 -18.25 -13.31
CA GLY A 303 -26.40 -18.85 -13.57
C GLY A 303 -25.19 -18.10 -13.02
N VAL A 304 -23.99 -18.65 -13.22
CA VAL A 304 -22.81 -17.97 -12.71
C VAL A 304 -21.64 -17.71 -13.69
N ALA A 305 -21.38 -16.42 -13.87
CA ALA A 305 -20.35 -15.92 -14.74
C ALA A 305 -18.90 -16.32 -14.39
N GLY A 306 -18.17 -16.55 -15.47
CA GLY A 306 -16.77 -16.91 -15.55
C GLY A 306 -15.97 -15.83 -16.27
N PHE A 307 -14.69 -16.09 -16.50
CA PHE A 307 -13.80 -15.13 -17.10
C PHE A 307 -13.36 -15.43 -18.52
N GLU A 308 -13.74 -16.59 -19.02
CA GLU A 308 -13.40 -16.98 -20.39
C GLU A 308 -13.98 -16.03 -21.47
N THR A 309 -15.08 -15.34 -21.17
CA THR A 309 -15.63 -14.45 -22.15
C THR A 309 -14.69 -13.34 -22.53
N LEU A 310 -13.74 -13.04 -21.69
CA LEU A 310 -12.85 -11.95 -22.04
C LEU A 310 -11.99 -12.27 -23.28
N LEU A 311 -11.20 -13.32 -23.16
CA LEU A 311 -10.35 -13.73 -24.23
C LEU A 311 -11.20 -14.06 -25.42
N GLU A 312 -12.32 -14.66 -25.14
CA GLU A 312 -13.16 -15.00 -26.24
C GLU A 312 -13.52 -13.82 -27.14
N THR A 313 -13.78 -12.71 -26.51
CA THR A 313 -14.18 -11.50 -27.17
C THR A 313 -13.05 -10.99 -28.06
N VAL A 314 -11.85 -10.98 -27.52
CA VAL A 314 -10.68 -10.56 -28.25
C VAL A 314 -10.55 -11.38 -29.54
N GLN A 315 -10.57 -12.68 -29.34
CA GLN A 315 -10.51 -13.60 -30.41
C GLN A 315 -11.49 -13.25 -31.54
N VAL A 316 -12.76 -13.28 -31.18
CA VAL A 316 -13.81 -12.92 -32.09
C VAL A 316 -13.55 -11.63 -32.81
N LEU A 317 -13.16 -10.60 -32.05
CA LEU A 317 -12.94 -9.31 -32.69
C LEU A 317 -11.99 -9.39 -33.88
N VAL A 318 -10.86 -9.98 -33.59
CA VAL A 318 -9.80 -10.19 -34.54
C VAL A 318 -10.29 -11.10 -35.63
N LYS A 319 -10.66 -12.29 -35.22
CA LYS A 319 -11.16 -13.33 -36.09
C LYS A 319 -12.44 -13.06 -36.89
N ASP A 320 -13.52 -12.55 -36.32
CA ASP A 320 -14.71 -12.33 -37.15
C ASP A 320 -14.97 -10.88 -37.36
N TYR A 321 -14.14 -10.02 -36.87
CA TYR A 321 -14.54 -8.67 -37.10
C TYR A 321 -13.51 -7.83 -37.78
N ASP A 322 -12.30 -8.37 -37.97
CA ASP A 322 -11.33 -7.53 -38.65
C ASP A 322 -10.80 -6.40 -37.80
N PHE A 323 -10.68 -6.65 -36.52
CA PHE A 323 -10.12 -5.66 -35.66
C PHE A 323 -8.63 -5.97 -35.58
N SER A 324 -7.81 -4.96 -35.41
CA SER A 324 -6.41 -5.22 -35.29
C SER A 324 -6.23 -5.85 -33.93
N ILE A 325 -5.21 -6.67 -33.77
CA ILE A 325 -5.02 -7.27 -32.46
C ILE A 325 -4.90 -6.13 -31.44
N SER A 326 -4.16 -5.14 -31.89
CA SER A 326 -3.91 -3.98 -31.12
C SER A 326 -5.17 -3.34 -30.66
N ASP A 327 -6.08 -3.17 -31.59
CA ASP A 327 -7.32 -2.50 -31.25
C ASP A 327 -8.24 -3.36 -30.42
N ALA A 328 -8.14 -4.63 -30.67
CA ALA A 328 -8.94 -5.57 -29.94
C ALA A 328 -8.55 -5.61 -28.46
N LEU A 329 -7.32 -5.32 -28.17
CA LEU A 329 -6.82 -5.37 -26.82
C LEU A 329 -7.25 -4.20 -25.92
N ARG A 330 -7.19 -3.05 -26.50
CA ARG A 330 -7.48 -1.80 -25.83
C ARG A 330 -8.51 -1.77 -24.71
N PRO A 331 -9.69 -2.31 -25.00
CA PRO A 331 -10.78 -2.25 -24.03
C PRO A 331 -10.56 -2.97 -22.72
N LEU A 332 -9.52 -3.84 -22.71
CA LEU A 332 -9.17 -4.68 -21.60
C LEU A 332 -7.85 -4.28 -21.01
N THR A 333 -7.30 -3.26 -21.61
CA THR A 333 -5.98 -2.80 -21.23
C THR A 333 -5.90 -1.29 -21.10
N SER A 334 -5.26 -0.65 -22.07
CA SER A 334 -5.08 0.80 -22.01
C SER A 334 -6.37 1.55 -21.73
N SER A 335 -7.46 1.12 -22.32
CA SER A 335 -8.68 1.82 -22.07
C SER A 335 -9.04 1.82 -20.57
N VAL A 336 -8.91 0.68 -19.94
CA VAL A 336 -9.26 0.55 -18.51
C VAL A 336 -8.30 1.30 -17.62
N ALA A 337 -7.04 1.03 -17.87
CA ALA A 337 -6.00 1.64 -17.07
C ALA A 337 -6.18 3.14 -17.17
N GLY A 338 -6.64 3.51 -18.37
CA GLY A 338 -6.88 4.87 -18.79
C GLY A 338 -8.00 5.51 -18.00
N PHE A 339 -9.12 4.80 -17.92
CA PHE A 339 -10.24 5.33 -17.17
C PHE A 339 -10.00 5.35 -15.66
N LEU A 340 -9.37 4.33 -15.14
CA LEU A 340 -9.17 4.25 -13.72
C LEU A 340 -7.86 4.84 -13.28
N ASN A 341 -7.15 5.37 -14.24
CA ASN A 341 -5.86 5.91 -13.88
C ASN A 341 -4.94 4.88 -13.21
N LEU A 342 -4.99 3.63 -13.66
CA LEU A 342 -4.14 2.63 -13.05
C LEU A 342 -2.72 2.79 -13.53
N THR A 343 -2.03 3.66 -12.86
CA THR A 343 -0.65 3.89 -13.19
C THR A 343 0.16 2.62 -13.14
N GLY A 344 0.98 2.44 -14.17
CA GLY A 344 1.86 1.28 -14.29
C GLY A 344 1.21 0.04 -14.90
N LYS A 345 -0.07 0.19 -15.22
CA LYS A 345 -0.86 -0.87 -15.79
C LYS A 345 -1.34 -0.54 -17.20
N GLY A 346 -1.78 -1.56 -17.93
CA GLY A 346 -2.35 -1.45 -19.27
C GLY A 346 -1.38 -1.29 -20.43
N GLU A 347 -0.11 -1.00 -20.19
CA GLU A 347 0.78 -0.85 -21.31
C GLU A 347 2.12 -1.34 -20.95
N ILE A 348 2.80 -1.77 -22.01
CA ILE A 348 4.15 -2.26 -21.92
C ILE A 348 5.14 -1.17 -22.29
N LEU A 349 5.61 -0.55 -21.26
CA LEU A 349 6.56 0.54 -21.28
C LEU A 349 7.52 0.37 -20.14
N PRO A 350 8.67 0.96 -20.32
CA PRO A 350 9.66 0.86 -19.27
C PRO A 350 9.05 1.61 -18.11
N GLY A 351 9.20 1.09 -16.91
CA GLY A 351 8.64 1.77 -15.79
C GLY A 351 7.32 1.16 -15.42
N ASN A 352 6.67 0.47 -16.39
CA ASN A 352 5.40 -0.16 -16.10
C ASN A 352 5.61 -1.46 -15.36
N ASP A 353 4.50 -1.98 -14.78
CA ASP A 353 4.60 -3.21 -14.05
C ASP A 353 4.64 -4.36 -15.05
N ALA A 354 5.34 -5.42 -14.69
CA ALA A 354 5.45 -6.54 -15.61
C ALA A 354 4.33 -7.55 -15.46
N ASP A 355 3.22 -7.10 -15.99
CA ASP A 355 2.00 -7.85 -16.05
C ASP A 355 1.90 -8.23 -17.52
N LEU A 356 2.30 -9.44 -17.87
CA LEU A 356 2.28 -9.80 -19.28
C LEU A 356 1.65 -11.11 -19.63
N LEU A 357 1.04 -11.09 -20.81
CA LEU A 357 0.44 -12.29 -21.39
C LEU A 357 1.29 -12.81 -22.55
N VAL A 358 1.45 -14.12 -22.62
CA VAL A 358 2.22 -14.70 -23.71
C VAL A 358 1.27 -15.58 -24.45
N MET A 359 0.99 -15.24 -25.67
CA MET A 359 0.05 -16.11 -26.34
C MET A 359 0.57 -16.69 -27.62
N THR A 360 -0.19 -17.67 -28.10
CA THR A 360 0.09 -18.28 -29.39
C THR A 360 -0.42 -17.28 -30.40
N PRO A 361 0.01 -17.42 -31.66
CA PRO A 361 -0.40 -16.50 -32.72
C PRO A 361 -1.86 -16.57 -33.00
N GLU A 362 -2.48 -17.65 -32.51
CA GLU A 362 -3.90 -17.91 -32.63
C GLU A 362 -4.68 -17.43 -31.40
N LEU A 363 -4.02 -16.62 -30.59
CA LEU A 363 -4.57 -16.03 -29.38
C LEU A 363 -4.92 -16.99 -28.26
N ARG A 364 -3.97 -17.82 -27.94
CA ARG A 364 -4.16 -18.73 -26.87
C ARG A 364 -3.13 -18.38 -25.82
N ILE A 365 -3.59 -18.35 -24.57
CA ILE A 365 -2.72 -18.00 -23.49
C ILE A 365 -1.89 -19.20 -23.10
N GLU A 366 -0.58 -18.96 -23.00
CA GLU A 366 0.37 -19.98 -22.66
C GLU A 366 0.97 -19.69 -21.30
N GLN A 367 1.51 -18.46 -21.17
CA GLN A 367 2.13 -17.96 -19.94
C GLN A 367 1.53 -16.64 -19.51
N VAL A 368 1.67 -16.42 -18.20
CA VAL A 368 1.16 -15.21 -17.56
C VAL A 368 2.10 -14.80 -16.44
N TYR A 369 2.53 -13.54 -16.51
CA TYR A 369 3.42 -12.91 -15.56
C TYR A 369 2.66 -11.86 -14.78
N ALA A 370 2.74 -11.87 -13.46
CA ALA A 370 2.03 -10.84 -12.74
C ALA A 370 3.10 -10.17 -11.98
N ARG A 371 3.27 -8.88 -12.19
CA ARG A 371 4.36 -8.22 -11.51
C ARG A 371 5.63 -9.00 -11.69
N GLY A 372 5.81 -9.50 -12.92
CA GLY A 372 7.03 -10.21 -13.25
C GLY A 372 7.16 -11.61 -12.71
N LYS A 373 6.11 -12.10 -12.08
CA LYS A 373 6.19 -13.44 -11.53
C LYS A 373 5.37 -14.39 -12.39
N LEU A 374 6.01 -15.51 -12.77
CA LEU A 374 5.39 -16.51 -13.59
C LEU A 374 4.27 -17.18 -12.83
N MET A 375 3.05 -16.88 -13.31
CA MET A 375 1.80 -17.34 -12.73
C MET A 375 1.14 -18.50 -13.43
N VAL A 376 1.32 -18.53 -14.75
CA VAL A 376 0.74 -19.54 -15.62
C VAL A 376 1.73 -19.99 -16.66
N LYS A 377 1.81 -21.29 -16.80
CA LYS A 377 2.69 -21.91 -17.74
C LYS A 377 1.96 -22.97 -18.53
N ASP A 378 2.10 -22.87 -19.83
CA ASP A 378 1.44 -23.84 -20.64
C ASP A 378 -0.03 -23.89 -20.30
N GLY A 379 -0.64 -22.71 -20.34
CA GLY A 379 -2.05 -22.50 -20.08
C GLY A 379 -2.54 -22.96 -18.71
N LYS A 380 -1.60 -23.24 -17.80
CA LYS A 380 -1.98 -23.70 -16.47
C LYS A 380 -1.25 -23.00 -15.32
N ALA A 381 -2.00 -22.77 -14.25
CA ALA A 381 -1.47 -22.05 -13.11
C ALA A 381 -0.49 -22.84 -12.33
N CYS A 382 0.71 -22.30 -12.23
CA CYS A 382 1.74 -22.92 -11.45
C CYS A 382 1.73 -22.20 -10.10
N VAL A 383 0.92 -21.15 -10.02
CA VAL A 383 0.75 -20.39 -8.78
C VAL A 383 -0.73 -20.44 -8.35
N LYS A 384 -1.00 -21.01 -7.20
CA LYS A 384 -2.39 -21.11 -6.75
C LYS A 384 -2.69 -20.34 -5.49
N GLY A 385 -3.95 -19.99 -5.33
CA GLY A 385 -4.40 -19.33 -4.13
C GLY A 385 -4.14 -20.29 -2.96
N THR A 386 -3.91 -19.73 -1.78
CA THR A 386 -3.62 -20.47 -0.57
C THR A 386 -4.48 -21.72 -0.33
N PHE A 387 -5.78 -21.65 -0.71
CA PHE A 387 -6.66 -22.76 -0.50
C PHE A 387 -7.21 -23.49 -1.69
N GLU A 388 -6.63 -23.29 -2.86
CA GLU A 388 -7.09 -24.02 -4.05
C GLU A 388 -6.65 -25.50 -3.98
N THR A 389 -7.51 -26.39 -4.47
CA THR A 389 -7.22 -27.80 -4.40
C THR A 389 -7.62 -28.57 -5.68
N MET B 1 21.98 3.09 -28.92
CA MET B 1 21.85 2.97 -27.49
C MET B 1 20.48 2.47 -27.05
N ILE B 2 20.47 1.61 -26.02
CA ILE B 2 19.22 1.14 -25.43
C ILE B 2 19.13 1.81 -24.08
N ASP B 3 17.91 2.20 -23.69
CA ASP B 3 17.69 2.90 -22.44
C ASP B 3 17.29 1.97 -21.31
N TYR B 4 18.14 1.88 -20.26
CA TYR B 4 17.89 1.01 -19.15
C TYR B 4 17.71 1.84 -17.87
N THR B 5 17.40 3.11 -18.09
CA THR B 5 17.31 4.05 -16.99
C THR B 5 16.19 3.85 -16.01
N ALA B 6 15.17 3.15 -16.47
CA ALA B 6 14.06 2.90 -15.58
C ALA B 6 14.49 2.08 -14.37
N ALA B 7 15.55 1.29 -14.47
CA ALA B 7 16.01 0.46 -13.37
C ALA B 7 16.66 1.26 -12.21
N GLY B 8 17.19 2.44 -12.52
CA GLY B 8 17.87 3.26 -11.52
C GLY B 8 19.08 2.53 -10.86
N PHE B 9 19.92 1.92 -11.67
CA PHE B 9 21.08 1.18 -11.24
C PHE B 9 22.07 2.05 -10.54
N THR B 10 22.33 1.70 -9.30
CA THR B 10 23.29 2.44 -8.56
C THR B 10 24.22 1.53 -7.85
N LEU B 11 25.49 1.87 -7.96
CA LEU B 11 26.48 1.04 -7.33
C LEU B 11 27.30 1.90 -6.43
N LEU B 12 27.21 1.56 -5.15
CA LEU B 12 27.91 2.21 -4.04
C LEU B 12 29.12 1.37 -3.73
N GLN B 13 30.26 1.98 -4.02
CA GLN B 13 31.57 1.37 -3.97
C GLN B 13 32.60 1.79 -2.95
N GLY B 14 33.21 0.80 -2.36
CA GLY B 14 34.32 1.00 -1.43
C GLY B 14 34.10 1.45 -0.02
N ALA B 15 32.91 1.30 0.48
CA ALA B 15 32.74 1.76 1.83
C ALA B 15 32.88 0.65 2.85
N HIS B 16 33.12 1.06 4.12
CA HIS B 16 33.19 0.12 5.19
C HIS B 16 31.74 -0.01 5.59
N LEU B 17 31.19 -1.17 5.27
CA LEU B 17 29.82 -1.48 5.54
C LEU B 17 29.54 -2.09 6.91
N TYR B 18 28.50 -1.54 7.52
CA TYR B 18 27.93 -2.00 8.77
C TYR B 18 26.50 -2.33 8.38
N ALA B 19 26.19 -3.60 8.39
CA ALA B 19 24.93 -4.04 7.92
C ALA B 19 23.64 -4.00 8.71
N PRO B 20 23.63 -3.67 10.01
CA PRO B 20 24.73 -3.22 10.92
C PRO B 20 25.97 -4.10 11.14
N GLU B 21 25.86 -5.39 10.95
CA GLU B 21 27.02 -6.26 11.15
C GLU B 21 28.22 -5.73 10.41
N ASP B 22 29.37 -5.74 11.02
CA ASP B 22 30.53 -5.25 10.30
C ASP B 22 30.84 -6.17 9.13
N ARG B 23 30.77 -5.68 7.90
CA ARG B 23 31.07 -6.52 6.78
C ARG B 23 32.33 -6.04 6.10
N GLY B 24 33.07 -5.23 6.79
CA GLY B 24 34.30 -4.66 6.25
C GLY B 24 34.05 -3.89 4.96
N ILE B 25 35.03 -3.84 4.10
CA ILE B 25 34.88 -3.18 2.85
C ILE B 25 34.08 -3.97 1.87
N CYS B 26 32.95 -3.40 1.56
CA CYS B 26 32.05 -4.14 0.74
C CYS B 26 31.30 -3.28 -0.23
N ASP B 27 30.74 -3.88 -1.26
CA ASP B 27 30.00 -3.10 -2.25
C ASP B 27 28.51 -3.29 -2.16
N VAL B 28 27.74 -2.34 -2.68
CA VAL B 28 26.28 -2.49 -2.65
C VAL B 28 25.68 -2.08 -3.96
N LEU B 29 24.94 -2.99 -4.57
CA LEU B 29 24.32 -2.63 -5.83
C LEU B 29 22.84 -2.48 -5.60
N VAL B 30 22.29 -1.43 -6.19
CA VAL B 30 20.89 -1.09 -6.05
C VAL B 30 20.14 -0.95 -7.36
N ALA B 31 18.94 -1.44 -7.34
CA ALA B 31 18.06 -1.30 -8.47
C ALA B 31 16.61 -1.24 -8.00
N ASN B 32 15.85 -0.36 -8.64
CA ASN B 32 14.45 -0.10 -8.36
C ASN B 32 14.18 0.10 -6.88
N GLY B 33 15.10 0.80 -6.21
CA GLY B 33 14.99 1.10 -4.80
C GLY B 33 15.30 -0.07 -3.90
N LYS B 34 15.67 -1.20 -4.50
CA LYS B 34 15.96 -2.37 -3.70
C LYS B 34 17.43 -2.71 -3.79
N ILE B 35 17.94 -3.33 -2.72
CA ILE B 35 19.30 -3.78 -2.71
C ILE B 35 19.27 -5.11 -3.42
N ILE B 36 20.02 -5.18 -4.53
CA ILE B 36 20.07 -6.38 -5.33
C ILE B 36 21.36 -7.14 -5.21
N ALA B 37 22.36 -6.60 -4.54
CA ALA B 37 23.63 -7.27 -4.36
C ALA B 37 24.52 -6.58 -3.35
N VAL B 38 25.16 -7.43 -2.52
CA VAL B 38 26.08 -7.01 -1.46
C VAL B 38 27.29 -7.94 -1.49
N ALA B 39 28.41 -7.39 -1.90
CA ALA B 39 29.61 -8.18 -2.05
C ALA B 39 30.84 -7.33 -2.25
N SER B 40 31.97 -7.92 -2.04
CA SER B 40 33.18 -7.18 -2.25
C SER B 40 33.49 -7.19 -3.74
N ASN B 41 33.95 -6.07 -4.24
CA ASN B 41 34.31 -5.95 -5.63
C ASN B 41 33.29 -6.23 -6.71
N ILE B 42 32.31 -5.36 -6.79
CA ILE B 42 31.33 -5.55 -7.82
C ILE B 42 31.72 -4.80 -9.09
N PRO B 43 31.59 -5.47 -10.21
CA PRO B 43 31.93 -4.91 -11.52
C PRO B 43 31.12 -3.70 -11.92
N SER B 44 31.77 -2.55 -11.92
CA SER B 44 31.18 -1.28 -12.30
C SER B 44 30.44 -1.33 -13.62
N ASP B 45 30.63 -2.42 -14.34
CA ASP B 45 30.00 -2.58 -15.64
C ASP B 45 28.98 -3.71 -15.63
N ILE B 46 28.89 -4.42 -14.51
CA ILE B 46 27.96 -5.53 -14.38
C ILE B 46 26.54 -5.23 -14.92
N VAL B 47 26.12 -3.96 -14.88
CA VAL B 47 24.83 -3.54 -15.38
C VAL B 47 24.92 -2.20 -16.07
N PRO B 48 24.13 -2.10 -17.13
CA PRO B 48 24.01 -0.92 -17.99
C PRO B 48 23.44 0.31 -17.30
N ASN B 49 23.82 1.50 -17.76
CA ASN B 49 23.38 2.77 -17.20
C ASN B 49 23.49 2.85 -15.69
N CYS B 50 24.61 2.34 -15.16
CA CYS B 50 24.85 2.33 -13.74
C CYS B 50 25.49 3.60 -13.21
N THR B 51 24.94 4.12 -12.12
CA THR B 51 25.53 5.28 -11.47
C THR B 51 26.48 4.76 -10.44
N VAL B 52 27.74 5.00 -10.64
CA VAL B 52 28.68 4.48 -9.68
C VAL B 52 29.04 5.51 -8.66
N VAL B 53 29.13 5.13 -7.38
CA VAL B 53 29.46 6.07 -6.32
C VAL B 53 30.65 5.65 -5.44
N ASP B 54 31.72 6.41 -5.51
CA ASP B 54 32.83 6.02 -4.69
C ASP B 54 32.70 6.51 -3.30
N LEU B 55 32.50 5.56 -2.43
CA LEU B 55 32.35 5.82 -1.02
C LEU B 55 33.57 5.39 -0.26
N SER B 56 34.66 5.36 -0.98
CA SER B 56 35.90 4.92 -0.33
C SER B 56 36.25 5.85 0.80
N GLY B 57 36.68 5.28 1.88
CA GLY B 57 37.01 6.12 3.01
C GLY B 57 35.79 6.48 3.82
N GLN B 58 34.63 5.93 3.44
CA GLN B 58 33.39 6.19 4.13
C GLN B 58 32.68 5.01 4.70
N ILE B 59 31.76 5.30 5.59
CA ILE B 59 30.98 4.28 6.26
C ILE B 59 29.63 4.15 5.58
N LEU B 60 29.11 2.94 5.47
CA LEU B 60 27.83 2.79 4.89
C LEU B 60 27.01 2.02 5.88
N CYS B 61 25.79 2.46 6.13
CA CYS B 61 24.95 1.79 7.10
C CYS B 61 23.47 2.02 6.84
N PRO B 62 22.59 1.21 7.46
CA PRO B 62 21.15 1.33 7.27
C PRO B 62 20.56 2.64 7.79
N GLY B 63 19.49 3.07 7.17
CA GLY B 63 18.78 4.27 7.63
C GLY B 63 18.12 4.11 9.01
N PHE B 64 17.96 5.17 9.76
CA PHE B 64 17.32 4.98 11.03
C PHE B 64 15.83 4.88 10.85
N ILE B 65 15.26 4.14 11.76
CA ILE B 65 13.83 3.97 11.89
C ILE B 65 13.44 4.66 13.22
N ASP B 66 12.69 5.78 13.19
CA ASP B 66 12.27 6.50 14.42
C ASP B 66 10.81 6.17 14.64
N GLN B 67 10.57 5.41 15.67
CA GLN B 67 9.23 4.93 15.94
C GLN B 67 8.42 5.80 16.85
N HIS B 68 8.96 6.96 17.20
CA HIS B 68 8.20 7.86 18.06
C HIS B 68 8.24 9.28 17.56
N VAL B 69 7.40 9.62 16.60
CA VAL B 69 7.41 10.98 16.10
C VAL B 69 6.06 11.64 15.96
N HIS B 70 5.96 12.86 16.48
CA HIS B 70 4.72 13.59 16.37
C HIS B 70 4.65 14.23 15.00
N LEU B 71 4.36 13.40 14.02
CA LEU B 71 4.29 13.87 12.64
C LEU B 71 3.50 15.16 12.37
N ILE B 72 2.25 15.21 12.83
CA ILE B 72 1.39 16.34 12.61
C ILE B 72 1.58 17.48 13.58
N GLY B 73 2.54 17.35 14.49
CA GLY B 73 2.75 18.33 15.53
C GLY B 73 2.13 17.80 16.83
N GLY B 74 2.39 18.42 17.96
CA GLY B 74 1.84 17.93 19.21
C GLY B 74 1.69 19.08 20.16
N GLY B 75 2.08 18.83 21.42
CA GLY B 75 2.03 19.84 22.47
C GLY B 75 0.59 20.25 22.80
N GLY B 76 0.47 21.48 23.27
CA GLY B 76 -0.80 22.07 23.67
C GLY B 76 -1.00 22.02 25.17
N GLU B 77 -0.04 21.42 25.92
CA GLU B 77 -0.18 21.33 27.39
C GLU B 77 -0.36 22.64 28.14
N ALA B 78 0.16 23.70 27.57
CA ALA B 78 0.03 25.01 28.14
C ALA B 78 -0.85 25.87 27.23
N GLY B 79 -1.91 25.24 26.75
CA GLY B 79 -2.79 25.96 25.87
C GLY B 79 -2.34 25.95 24.42
N PRO B 80 -3.22 26.48 23.60
CA PRO B 80 -3.15 26.53 22.17
C PRO B 80 -1.92 27.06 21.51
N THR B 81 -1.26 28.00 22.18
CA THR B 81 -0.05 28.51 21.58
C THR B 81 1.03 27.41 21.62
N THR B 82 0.90 26.51 22.55
CA THR B 82 1.92 25.47 22.62
C THR B 82 1.73 24.30 21.71
N ARG B 83 0.89 24.44 20.68
CA ARG B 83 0.71 23.36 19.71
C ARG B 83 1.91 23.36 18.78
N THR B 84 2.64 22.25 18.70
CA THR B 84 3.82 22.23 17.83
C THR B 84 3.46 22.01 16.36
N PRO B 85 4.30 22.52 15.48
CA PRO B 85 4.11 22.39 14.06
C PRO B 85 4.40 20.97 13.54
N GLU B 86 3.94 20.76 12.34
CA GLU B 86 4.09 19.47 11.71
C GLU B 86 5.55 19.23 11.35
N VAL B 87 5.90 17.98 11.14
CA VAL B 87 7.28 17.65 10.82
C VAL B 87 7.56 17.85 9.33
N ALA B 88 8.72 18.40 9.01
CA ALA B 88 9.12 18.59 7.63
C ALA B 88 10.03 17.43 7.20
N LEU B 89 9.81 16.94 5.99
CA LEU B 89 10.61 15.87 5.47
C LEU B 89 12.12 16.06 5.68
N SER B 90 12.61 17.20 5.24
CA SER B 90 14.03 17.45 5.35
C SER B 90 14.59 17.31 6.78
N ARG B 91 13.78 17.61 7.78
CA ARG B 91 14.32 17.48 9.12
C ARG B 91 14.60 16.05 9.52
N LEU B 92 13.89 15.13 8.86
CA LEU B 92 14.07 13.73 9.15
C LEU B 92 15.24 13.17 8.37
N THR B 93 15.20 13.40 7.07
CA THR B 93 16.26 12.84 6.32
C THR B 93 17.60 13.31 6.77
N GLU B 94 17.67 14.58 7.00
CA GLU B 94 18.92 15.11 7.40
C GLU B 94 19.36 14.53 8.70
N ALA B 95 18.45 13.97 9.46
CA ALA B 95 18.90 13.42 10.71
C ALA B 95 19.19 11.94 10.61
N GLY B 96 19.12 11.42 9.43
CA GLY B 96 19.40 10.00 9.20
C GLY B 96 18.15 9.13 9.19
N VAL B 97 17.00 9.71 9.46
CA VAL B 97 15.76 8.98 9.49
C VAL B 97 15.17 8.69 8.12
N THR B 98 14.90 7.41 7.85
CA THR B 98 14.33 6.99 6.59
C THR B 98 12.98 6.24 6.74
N SER B 99 12.67 5.89 7.98
CA SER B 99 11.46 5.16 8.27
C SER B 99 10.95 5.76 9.55
N VAL B 100 9.68 6.02 9.65
CA VAL B 100 9.24 6.65 10.86
C VAL B 100 7.85 6.18 11.26
N VAL B 101 7.57 6.23 12.57
CA VAL B 101 6.27 5.83 13.05
C VAL B 101 5.63 6.98 13.74
N GLY B 102 4.49 7.42 13.22
CA GLY B 102 3.84 8.58 13.82
C GLY B 102 2.77 8.20 14.82
N LEU B 103 2.60 9.11 15.78
CA LEU B 103 1.62 8.97 16.82
C LEU B 103 1.14 10.32 17.34
N LEU B 104 0.12 10.24 18.21
CA LEU B 104 -0.45 11.40 18.86
C LEU B 104 -0.01 11.38 20.30
N GLY B 105 -0.24 12.48 21.01
CA GLY B 105 0.14 12.59 22.40
C GLY B 105 -1.00 12.99 23.33
N THR B 106 -0.74 14.03 24.09
CA THR B 106 -1.68 14.48 25.09
C THR B 106 -2.99 14.95 24.52
N ASP B 107 -2.91 15.77 23.49
CA ASP B 107 -4.06 16.32 22.86
C ASP B 107 -4.60 15.46 21.71
N SER B 108 -5.85 15.07 21.83
CA SER B 108 -6.53 14.30 20.80
C SER B 108 -7.89 14.97 20.58
N ILE B 109 -7.91 16.26 20.91
CA ILE B 109 -9.10 17.04 20.71
C ILE B 109 -8.90 17.89 19.46
N SER B 110 -7.74 18.56 19.41
CA SER B 110 -7.44 19.37 18.24
C SER B 110 -6.62 18.55 17.25
N ARG B 111 -6.19 17.34 17.68
CA ARG B 111 -5.36 16.37 16.94
C ARG B 111 -6.15 15.15 16.55
N HIS B 112 -6.11 14.78 15.27
CA HIS B 112 -6.94 13.65 14.83
C HIS B 112 -6.21 12.57 14.04
N PRO B 113 -6.61 11.28 14.19
CA PRO B 113 -5.96 10.18 13.48
C PRO B 113 -6.00 10.30 11.97
N GLU B 114 -7.14 10.80 11.44
CA GLU B 114 -7.31 11.01 10.03
C GLU B 114 -6.26 12.00 9.54
N SER B 115 -5.96 13.03 10.35
CA SER B 115 -4.90 13.99 9.97
C SER B 115 -3.56 13.29 9.95
N LEU B 116 -3.33 12.50 11.00
CA LEU B 116 -2.07 11.78 11.14
C LEU B 116 -1.90 10.79 10.03
N LEU B 117 -3.00 10.21 9.66
CA LEU B 117 -2.91 9.25 8.58
C LEU B 117 -2.60 9.94 7.24
N ALA B 118 -3.24 11.06 6.92
CA ALA B 118 -2.95 11.71 5.64
C ALA B 118 -1.47 12.17 5.54
N LYS B 119 -0.93 12.60 6.68
CA LYS B 119 0.45 13.03 6.73
C LYS B 119 1.42 11.88 6.54
N THR B 120 1.01 10.73 7.06
CA THR B 120 1.81 9.53 6.93
C THR B 120 1.90 9.21 5.48
N ARG B 121 0.78 9.37 4.80
CA ARG B 121 0.79 9.03 3.39
C ARG B 121 1.56 10.00 2.56
N ALA B 122 1.52 11.25 2.99
CA ALA B 122 2.29 12.24 2.28
C ALA B 122 3.78 11.87 2.27
N LEU B 123 4.28 11.42 3.40
CA LEU B 123 5.69 11.09 3.56
C LEU B 123 6.13 9.92 2.75
N ASN B 124 5.23 8.98 2.60
CA ASN B 124 5.54 7.85 1.77
C ASN B 124 5.62 8.32 0.34
N GLU B 125 4.73 9.24 -0.03
CA GLU B 125 4.67 9.79 -1.34
C GLU B 125 5.92 10.61 -1.65
N GLU B 126 6.36 11.27 -0.64
CA GLU B 126 7.52 12.06 -0.90
C GLU B 126 8.81 11.28 -0.85
N GLY B 127 8.82 9.96 -0.65
CA GLY B 127 10.10 9.27 -0.63
C GLY B 127 10.52 8.48 0.60
N ILE B 128 10.01 8.74 1.80
CA ILE B 128 10.46 7.92 2.90
C ILE B 128 9.43 6.86 3.29
N SER B 129 9.60 6.18 4.40
CA SER B 129 8.61 5.16 4.75
C SER B 129 8.06 5.55 6.10
N ALA B 130 6.74 5.48 6.20
CA ALA B 130 5.99 5.87 7.39
C ALA B 130 4.74 5.04 7.67
N TRP B 131 4.53 4.85 8.95
CA TRP B 131 3.39 4.15 9.48
C TRP B 131 2.84 4.95 10.68
N MET B 132 1.74 4.52 11.27
CA MET B 132 1.25 5.23 12.47
C MET B 132 0.61 4.29 13.48
N LEU B 133 0.43 4.83 14.65
CA LEU B 133 -0.25 4.15 15.68
C LEU B 133 -1.56 4.91 15.81
N THR B 134 -2.63 4.19 16.11
CA THR B 134 -3.95 4.82 16.30
C THR B 134 -4.08 5.18 17.79
N GLY B 135 -5.12 5.86 18.22
CA GLY B 135 -5.17 6.21 19.67
C GLY B 135 -4.32 7.42 20.01
N ALA B 136 -4.10 7.64 21.30
CA ALA B 136 -3.33 8.74 21.84
C ALA B 136 -3.22 8.49 23.33
N TYR B 137 -2.97 9.55 24.11
CA TYR B 137 -2.92 9.35 25.55
C TYR B 137 -4.21 8.72 26.08
N HIS B 138 -5.33 9.34 25.66
CA HIS B 138 -6.69 9.02 26.03
C HIS B 138 -7.09 7.58 25.84
N VAL B 139 -7.66 7.12 26.92
CA VAL B 139 -8.22 5.79 26.93
C VAL B 139 -9.60 5.93 27.55
N PRO B 140 -10.66 5.39 26.90
CA PRO B 140 -10.53 4.65 25.65
C PRO B 140 -9.99 5.44 24.49
N SER B 141 -9.52 4.65 23.53
CA SER B 141 -8.95 5.26 22.37
C SER B 141 -9.96 5.84 21.40
N ARG B 142 -9.55 6.99 20.83
CA ARG B 142 -10.17 7.73 19.78
C ARG B 142 -9.52 7.22 18.49
N THR B 143 -10.35 6.51 17.73
CA THR B 143 -9.92 5.87 16.50
C THR B 143 -10.50 6.45 15.25
N ILE B 144 -10.09 5.89 14.14
CA ILE B 144 -10.61 6.32 12.88
C ILE B 144 -11.95 5.60 12.56
N THR B 145 -11.96 4.27 12.68
CA THR B 145 -13.11 3.45 12.36
C THR B 145 -14.01 3.18 13.55
N GLY B 146 -13.64 3.58 14.74
CA GLY B 146 -14.48 3.34 15.90
C GLY B 146 -14.08 2.13 16.73
N SER B 147 -13.10 1.36 16.22
CA SER B 147 -12.62 0.22 16.96
C SER B 147 -11.11 0.08 16.80
N VAL B 148 -10.44 -0.12 17.90
CA VAL B 148 -8.99 -0.25 17.83
C VAL B 148 -8.66 -1.46 16.97
N GLU B 149 -9.42 -2.53 17.20
CA GLU B 149 -9.24 -3.78 16.49
C GLU B 149 -9.44 -3.52 14.98
N LYS B 150 -10.47 -2.74 14.66
CA LYS B 150 -10.77 -2.41 13.30
C LYS B 150 -9.72 -1.50 12.65
N ASP B 151 -9.31 -0.47 13.37
CA ASP B 151 -8.32 0.39 12.79
C ASP B 151 -7.07 -0.38 12.38
N VAL B 152 -6.54 -1.24 13.27
CA VAL B 152 -5.31 -2.02 13.00
C VAL B 152 -5.53 -3.05 11.90
N ALA B 153 -6.75 -3.61 11.87
CA ALA B 153 -6.98 -4.59 10.83
C ALA B 153 -7.13 -3.99 9.44
N ILE B 154 -7.91 -2.94 9.36
CA ILE B 154 -8.17 -2.42 8.06
C ILE B 154 -7.47 -1.19 7.55
N ILE B 155 -6.86 -0.38 8.39
CA ILE B 155 -6.17 0.80 7.86
C ILE B 155 -4.78 0.38 7.59
N ASP B 156 -4.44 0.39 6.31
CA ASP B 156 -3.12 -0.05 5.94
C ASP B 156 -1.95 0.50 6.73
N ARG B 157 -1.88 1.80 6.95
CA ARG B 157 -0.72 2.38 7.68
C ARG B 157 -0.70 2.24 9.21
N VAL B 158 -1.78 1.74 9.80
CA VAL B 158 -1.84 1.63 11.24
C VAL B 158 -1.23 0.30 11.61
N ILE B 159 -0.28 0.29 12.56
CA ILE B 159 0.39 -0.93 12.99
C ILE B 159 0.16 -1.25 14.48
N GLY B 160 -0.61 -0.40 15.17
CA GLY B 160 -0.82 -0.61 16.58
C GLY B 160 -1.46 0.57 17.24
N VAL B 161 -1.42 0.54 18.56
CA VAL B 161 -2.06 1.55 19.37
C VAL B 161 -1.19 2.18 20.43
N KCX B 162 -1.49 3.46 20.69
CA KCX B 162 -0.74 4.18 21.67
CB KCX B 162 -0.32 5.48 21.00
CG KCX B 162 0.04 6.60 21.97
CD KCX B 162 1.50 6.53 22.38
CE KCX B 162 1.89 7.57 23.40
NZ KCX B 162 2.24 8.83 22.75
C KCX B 162 -1.62 4.50 22.86
O KCX B 162 -2.83 4.69 22.66
CX KCX B 162 3.38 9.45 23.45
OQ1 KCX B 162 3.61 10.66 23.00
OQ2 KCX B 162 4.02 8.90 24.35
N CYS B 163 -1.04 4.63 24.05
CA CYS B 163 -1.75 5.03 25.24
C CYS B 163 -0.89 5.71 26.32
N ALA B 164 -1.52 6.34 27.31
CA ALA B 164 -0.75 6.96 28.41
C ALA B 164 -1.05 6.33 29.76
N ILE B 165 -0.03 5.93 30.53
CA ILE B 165 -0.23 5.38 31.85
C ILE B 165 0.74 6.09 32.78
N SER B 166 0.49 5.95 34.08
CA SER B 166 1.36 6.52 35.10
C SER B 166 1.83 7.92 34.78
N ASP B 167 0.87 8.74 34.40
CA ASP B 167 1.09 10.11 34.04
C ASP B 167 -0.09 11.02 34.51
N HIS B 168 0.26 12.19 35.03
CA HIS B 168 -0.74 13.12 35.51
C HIS B 168 -1.60 13.65 34.34
N ARG B 169 -1.29 13.19 33.13
CA ARG B 169 -2.07 13.62 31.95
C ARG B 169 -2.82 12.42 31.32
N SER B 170 -2.87 11.33 32.05
CA SER B 170 -3.55 10.15 31.55
C SER B 170 -5.04 10.29 31.72
N ALA B 171 -5.78 9.32 31.28
CA ALA B 171 -7.21 9.39 31.39
C ALA B 171 -7.71 8.54 32.53
N ALA B 172 -6.82 8.18 33.43
CA ALA B 172 -7.19 7.33 34.58
C ALA B 172 -7.81 5.98 34.17
N PRO B 173 -7.22 5.32 33.17
CA PRO B 173 -7.72 4.02 32.70
C PRO B 173 -7.60 2.92 33.73
N ASP B 174 -8.55 1.98 33.71
CA ASP B 174 -8.52 0.83 34.60
C ASP B 174 -7.90 -0.34 33.84
N VAL B 175 -7.73 -1.44 34.53
CA VAL B 175 -7.09 -2.52 33.87
C VAL B 175 -7.91 -3.11 32.76
N TYR B 176 -9.25 -3.20 32.96
CA TYR B 176 -10.08 -3.76 31.90
C TYR B 176 -9.86 -3.00 30.61
N HIS B 177 -9.96 -1.69 30.75
CA HIS B 177 -9.77 -0.82 29.61
C HIS B 177 -8.47 -1.01 28.88
N LEU B 178 -7.39 -1.05 29.63
CA LEU B 178 -6.09 -1.29 29.04
C LEU B 178 -6.01 -2.65 28.35
N ALA B 179 -6.39 -3.74 29.10
CA ALA B 179 -6.36 -5.11 28.54
C ALA B 179 -7.11 -5.29 27.24
N ASN B 180 -8.34 -4.79 27.27
CA ASN B 180 -9.15 -4.88 26.12
C ASN B 180 -8.51 -4.14 24.90
N MET B 181 -7.97 -2.95 25.14
CA MET B 181 -7.39 -2.14 24.10
C MET B 181 -6.16 -2.85 23.49
N ALA B 182 -5.30 -3.42 24.35
CA ALA B 182 -4.11 -4.16 23.89
C ALA B 182 -4.46 -5.45 23.17
N ALA B 183 -5.52 -6.08 23.66
CA ALA B 183 -5.98 -7.33 23.08
C ALA B 183 -6.57 -7.07 21.71
N GLU B 184 -7.24 -5.91 21.59
CA GLU B 184 -7.76 -5.54 20.29
C GLU B 184 -6.63 -5.27 19.29
N SER B 185 -5.61 -4.60 19.75
CA SER B 185 -4.51 -4.29 18.86
C SER B 185 -3.81 -5.59 18.38
N ARG B 186 -3.67 -6.50 19.33
CA ARG B 186 -3.07 -7.79 19.07
C ARG B 186 -3.80 -8.55 17.93
N VAL B 187 -5.10 -8.72 18.13
CA VAL B 187 -5.97 -9.38 17.18
C VAL B 187 -6.02 -8.70 15.79
N GLY B 188 -6.14 -7.37 15.79
CA GLY B 188 -6.16 -6.57 14.59
C GLY B 188 -4.88 -6.76 13.78
N GLY B 189 -3.76 -6.85 14.52
CA GLY B 189 -2.46 -7.09 13.91
C GLY B 189 -2.43 -8.43 13.19
N LEU B 190 -2.97 -9.48 13.81
CA LEU B 190 -2.95 -10.78 13.12
C LEU B 190 -3.82 -10.74 11.86
N LEU B 191 -4.98 -10.13 11.98
CA LEU B 191 -5.84 -10.06 10.81
C LEU B 191 -5.23 -9.21 9.71
N GLY B 192 -4.64 -8.06 10.07
CA GLY B 192 -4.12 -7.16 9.06
C GLY B 192 -2.66 -7.43 8.73
N GLY B 193 -2.01 -8.32 9.46
CA GLY B 193 -0.64 -8.58 9.19
C GLY B 193 0.24 -7.47 9.72
N LYS B 194 -0.08 -6.99 10.91
CA LYS B 194 0.69 -5.91 11.49
C LYS B 194 1.29 -6.39 12.82
N PRO B 195 2.28 -5.68 13.34
CA PRO B 195 2.83 -6.11 14.60
C PRO B 195 1.75 -6.14 15.68
N GLY B 196 0.80 -5.15 15.67
CA GLY B 196 -0.28 -5.11 16.66
C GLY B 196 0.21 -4.87 18.07
N VAL B 197 1.07 -3.87 18.14
CA VAL B 197 1.69 -3.51 19.36
C VAL B 197 0.90 -2.51 20.12
N THR B 198 1.27 -2.39 21.39
CA THR B 198 0.61 -1.43 22.24
C THR B 198 1.74 -0.65 22.86
N VAL B 199 1.73 0.64 22.61
CA VAL B 199 2.81 1.49 23.08
C VAL B 199 2.33 2.29 24.26
N PHE B 200 3.10 2.20 25.35
CA PHE B 200 2.73 2.92 26.55
C PHE B 200 3.64 4.05 26.84
N HIS B 201 3.09 5.27 26.79
CA HIS B 201 3.81 6.48 27.13
C HIS B 201 3.85 6.41 28.64
N MET B 202 5.05 6.48 29.22
CA MET B 202 5.11 6.42 30.66
C MET B 202 5.37 7.79 31.23
N GLY B 203 4.73 8.07 32.34
CA GLY B 203 4.95 9.33 33.01
C GLY B 203 5.86 9.18 34.24
N ASP B 204 5.68 10.08 35.21
CA ASP B 204 6.49 10.05 36.38
C ASP B 204 5.84 9.46 37.63
N SER B 205 4.62 9.00 37.52
CA SER B 205 3.96 8.40 38.67
C SER B 205 4.73 7.23 39.34
N LYS B 206 4.63 7.12 40.67
CA LYS B 206 5.25 6.06 41.43
C LYS B 206 4.83 4.66 40.99
N LYS B 207 3.61 4.53 40.53
CA LYS B 207 3.12 3.26 40.08
C LYS B 207 3.96 2.62 38.93
N ALA B 208 4.70 3.48 38.23
CA ALA B 208 5.57 3.05 37.14
C ALA B 208 4.97 2.00 36.21
N LEU B 209 5.56 0.80 36.13
CA LEU B 209 5.10 -0.29 35.24
C LEU B 209 4.02 -1.19 35.80
N GLN B 210 3.63 -0.94 37.05
CA GLN B 210 2.60 -1.76 37.65
C GLN B 210 1.46 -2.17 36.69
N PRO B 211 0.81 -1.14 36.14
CA PRO B 211 -0.30 -1.30 35.21
C PRO B 211 0.02 -2.30 34.11
N ILE B 212 1.29 -2.33 33.73
CA ILE B 212 1.61 -3.31 32.72
C ILE B 212 1.49 -4.73 33.26
N TYR B 213 2.07 -4.91 34.44
CA TYR B 213 1.99 -6.22 35.06
C TYR B 213 0.57 -6.66 35.29
N ASP B 214 -0.20 -5.77 35.87
CA ASP B 214 -1.59 -6.08 36.10
C ASP B 214 -2.27 -6.55 34.84
N LEU B 215 -1.97 -5.82 33.79
CA LEU B 215 -2.54 -6.14 32.48
C LEU B 215 -2.22 -7.59 32.09
N LEU B 216 -0.99 -7.89 32.25
CA LEU B 216 -0.50 -9.15 31.93
C LEU B 216 -1.20 -10.24 32.70
N GLU B 217 -1.72 -9.88 33.86
CA GLU B 217 -2.41 -10.92 34.59
C GLU B 217 -3.86 -11.02 34.20
N ASN B 218 -4.31 -9.99 33.49
CA ASN B 218 -5.70 -9.92 33.10
C ASN B 218 -5.97 -10.17 31.64
N CYS B 219 -4.98 -10.74 30.95
CA CYS B 219 -5.14 -11.05 29.54
C CYS B 219 -4.03 -11.93 29.07
N ASP B 220 -4.18 -12.42 27.88
CA ASP B 220 -3.20 -13.33 27.36
C ASP B 220 -2.38 -12.76 26.23
N VAL B 221 -2.29 -11.41 26.22
CA VAL B 221 -1.47 -10.72 25.23
C VAL B 221 0.02 -11.03 25.54
N PRO B 222 0.80 -11.34 24.49
CA PRO B 222 2.23 -11.62 24.67
C PRO B 222 3.02 -10.37 25.06
N ILE B 223 3.87 -10.53 26.05
CA ILE B 223 4.74 -9.49 26.53
C ILE B 223 5.51 -8.84 25.37
N SER B 224 5.79 -9.63 24.32
CA SER B 224 6.48 -9.10 23.18
C SER B 224 5.69 -8.01 22.43
N LYS B 225 4.44 -7.79 22.81
CA LYS B 225 3.65 -6.80 22.11
C LYS B 225 3.52 -5.52 22.93
N LEU B 226 4.07 -5.54 24.12
CA LEU B 226 3.92 -4.37 24.95
C LEU B 226 5.19 -3.56 24.94
N LEU B 227 5.07 -2.25 24.64
CA LEU B 227 6.23 -1.38 24.54
C LEU B 227 6.20 -0.12 25.39
N PRO B 228 6.92 -0.16 26.50
CA PRO B 228 6.96 1.01 27.37
C PRO B 228 8.03 1.95 26.81
N THR B 229 7.66 3.24 26.72
CA THR B 229 8.59 4.22 26.18
C THR B 229 8.96 5.30 27.19
N HIS B 230 10.00 6.08 26.91
CA HIS B 230 10.47 7.12 27.83
C HIS B 230 10.99 6.50 29.10
N VAL B 231 11.45 5.27 29.02
CA VAL B 231 11.86 4.56 30.21
C VAL B 231 12.96 5.25 31.03
N ASN B 232 13.68 6.13 30.36
CA ASN B 232 14.76 6.80 31.05
C ASN B 232 14.37 8.06 31.83
N ARG B 233 13.07 8.40 31.87
CA ARG B 233 12.57 9.62 32.51
C ARG B 233 12.82 9.68 34.01
N ASN B 234 12.94 8.53 34.62
CA ASN B 234 13.20 8.53 36.02
C ASN B 234 13.79 7.21 36.44
N VAL B 235 14.59 7.29 37.45
CA VAL B 235 15.37 6.17 37.93
C VAL B 235 14.69 4.87 38.22
N PRO B 236 13.77 4.95 39.16
CA PRO B 236 12.97 3.82 39.63
C PRO B 236 12.26 3.15 38.48
N LEU B 237 11.78 4.03 37.59
CA LEU B 237 11.13 3.63 36.36
C LEU B 237 12.12 2.85 35.52
N PHE B 238 13.26 3.48 35.24
CA PHE B 238 14.28 2.82 34.41
C PHE B 238 14.65 1.46 34.95
N GLU B 239 14.71 1.40 36.26
CA GLU B 239 15.04 0.18 36.91
C GLU B 239 14.03 -0.91 36.64
N GLN B 240 12.74 -0.57 36.72
CA GLN B 240 11.76 -1.61 36.49
C GLN B 240 11.74 -2.06 35.04
N ALA B 241 12.13 -1.12 34.22
CA ALA B 241 12.17 -1.38 32.80
C ALA B 241 13.16 -2.53 32.55
N LEU B 242 14.35 -2.39 33.13
CA LEU B 242 15.34 -3.44 33.02
C LEU B 242 14.78 -4.82 33.41
N GLU B 243 13.95 -4.91 34.45
CA GLU B 243 13.43 -6.24 34.77
C GLU B 243 12.47 -6.68 33.73
N PHE B 244 11.65 -5.72 33.34
CA PHE B 244 10.67 -5.96 32.30
C PHE B 244 11.36 -6.53 31.07
N ALA B 245 12.45 -5.90 30.64
CA ALA B 245 13.10 -6.45 29.49
C ALA B 245 13.66 -7.84 29.81
N ARG B 246 14.17 -8.01 31.03
CA ARG B 246 14.68 -9.30 31.45
C ARG B 246 13.63 -10.39 31.37
N LYS B 247 12.40 -9.98 31.55
CA LYS B 247 11.28 -10.93 31.50
C LYS B 247 10.84 -11.23 30.07
N GLY B 248 11.55 -10.60 29.14
CA GLY B 248 11.28 -10.80 27.74
C GLY B 248 10.69 -9.56 27.05
N GLY B 249 10.36 -8.54 27.84
CA GLY B 249 9.83 -7.39 27.15
C GLY B 249 10.91 -6.59 26.40
N THR B 250 10.46 -5.73 25.47
CA THR B 250 11.40 -4.83 24.78
C THR B 250 11.16 -3.49 25.43
N ILE B 251 12.15 -2.62 25.40
CA ILE B 251 12.01 -1.30 25.98
C ILE B 251 12.49 -0.20 25.05
N ASP B 252 11.77 0.92 25.09
CA ASP B 252 12.10 2.06 24.27
C ASP B 252 12.61 3.24 25.10
N ILE B 253 13.87 3.58 24.79
CA ILE B 253 14.56 4.69 25.36
C ILE B 253 14.40 5.93 24.46
N THR B 254 14.10 7.07 25.12
CA THR B 254 13.89 8.34 24.43
C THR B 254 15.10 9.19 24.37
N SER B 255 15.62 9.41 23.16
CA SER B 255 16.85 10.18 23.04
C SER B 255 16.80 11.63 23.42
N SER B 256 15.59 12.16 23.49
CA SER B 256 15.42 13.54 23.83
C SER B 256 15.35 13.74 25.31
N ILE B 257 15.60 12.65 26.06
CA ILE B 257 15.60 12.75 27.51
C ILE B 257 17.03 12.64 28.03
N ASP B 258 17.59 13.73 28.61
CA ASP B 258 18.96 13.74 29.14
C ASP B 258 19.11 13.49 30.63
N GLU B 259 18.01 13.62 31.36
CA GLU B 259 18.10 13.42 32.77
C GLU B 259 16.89 12.59 33.10
N PRO B 260 16.94 11.73 34.14
CA PRO B 260 18.10 11.53 34.97
C PRO B 260 19.00 10.48 34.33
N VAL B 261 18.45 9.67 33.42
CA VAL B 261 19.24 8.68 32.74
C VAL B 261 19.46 9.10 31.29
N ALA B 262 20.68 9.36 30.89
CA ALA B 262 20.95 9.73 29.51
C ALA B 262 20.75 8.53 28.58
N PRO B 263 20.34 8.81 27.33
CA PRO B 263 20.11 7.78 26.31
C PRO B 263 21.22 6.71 26.16
N ALA B 264 22.45 7.16 25.92
CA ALA B 264 23.58 6.23 25.77
C ALA B 264 23.79 5.47 27.07
N GLU B 265 23.62 6.22 28.12
CA GLU B 265 23.80 5.60 29.38
C GLU B 265 22.88 4.46 29.56
N GLY B 266 21.62 4.70 29.19
CA GLY B 266 20.57 3.70 29.39
C GLY B 266 20.84 2.42 28.63
N ILE B 267 21.26 2.63 27.42
CA ILE B 267 21.53 1.54 26.53
C ILE B 267 22.67 0.75 27.16
N ALA B 268 23.75 1.43 27.48
CA ALA B 268 24.82 0.72 28.09
C ALA B 268 24.39 -0.10 29.28
N ARG B 269 23.55 0.50 30.18
CA ARG B 269 23.12 -0.21 31.39
C ARG B 269 22.32 -1.42 31.07
N ALA B 270 21.54 -1.31 30.03
CA ALA B 270 20.74 -2.46 29.67
C ALA B 270 21.64 -3.64 29.28
N VAL B 271 22.65 -3.32 28.51
CA VAL B 271 23.56 -4.37 28.21
C VAL B 271 24.22 -4.95 29.46
N GLN B 272 24.91 -4.09 30.21
CA GLN B 272 25.57 -4.54 31.43
C GLN B 272 24.63 -5.42 32.25
N ALA B 273 23.32 -5.12 32.11
CA ALA B 273 22.26 -5.82 32.82
C ALA B 273 22.00 -7.16 32.21
N GLY B 274 22.68 -7.38 31.11
CA GLY B 274 22.51 -8.65 30.48
C GLY B 274 21.32 -8.67 29.56
N ILE B 275 20.89 -7.51 29.11
CA ILE B 275 19.78 -7.53 28.16
C ILE B 275 20.32 -7.37 26.77
N PRO B 276 19.82 -8.19 25.89
CA PRO B 276 20.19 -8.16 24.50
C PRO B 276 19.74 -6.88 23.77
N LEU B 277 20.65 -6.31 23.02
CA LEU B 277 20.34 -5.12 22.24
C LEU B 277 19.10 -5.28 21.41
N ALA B 278 18.76 -6.51 21.08
CA ALA B 278 17.56 -6.73 20.26
C ALA B 278 16.29 -6.28 20.95
N ARG B 279 16.31 -6.24 22.29
CA ARG B 279 15.16 -5.85 23.08
C ARG B 279 15.28 -4.39 23.57
N VAL B 280 16.09 -3.61 22.87
CA VAL B 280 16.33 -2.21 23.25
C VAL B 280 16.21 -1.32 22.03
N THR B 281 15.29 -0.35 22.12
CA THR B 281 15.12 0.54 21.00
C THR B 281 15.32 1.98 21.40
N LEU B 282 15.63 2.81 20.42
CA LEU B 282 15.80 4.22 20.70
C LEU B 282 14.86 5.00 19.83
N SER B 283 14.10 5.92 20.41
CA SER B 283 13.20 6.74 19.62
C SER B 283 13.44 8.19 20.07
N SER B 284 13.11 9.13 19.18
CA SER B 284 13.30 10.57 19.40
C SER B 284 12.24 11.32 20.19
N ASP B 285 10.96 11.11 19.81
CA ASP B 285 9.82 11.83 20.37
C ASP B 285 9.81 13.20 19.70
N GLY B 286 10.44 13.28 18.53
CA GLY B 286 10.57 14.50 17.79
C GLY B 286 9.24 15.17 17.53
N ASN B 287 9.31 16.52 17.60
CA ASN B 287 8.19 17.43 17.42
C ASN B 287 7.17 17.48 18.50
N GLY B 288 7.42 16.77 19.60
CA GLY B 288 6.54 16.80 20.71
C GLY B 288 7.05 17.91 21.63
N SER B 289 6.29 18.21 22.65
CA SER B 289 6.78 19.23 23.52
C SER B 289 7.54 18.60 24.67
N GLN B 290 8.40 19.40 25.23
CA GLN B 290 9.18 19.09 26.41
C GLN B 290 8.61 19.94 27.53
N PRO B 291 7.50 19.40 28.09
CA PRO B 291 6.79 20.04 29.19
C PRO B 291 7.44 19.64 30.50
N PHE B 292 7.51 20.62 31.38
CA PHE B 292 8.09 20.33 32.67
C PHE B 292 7.10 20.75 33.74
N PHE B 293 6.65 19.77 34.53
CA PHE B 293 5.72 20.03 35.60
C PHE B 293 6.45 20.17 36.93
N ASP B 294 5.87 21.02 37.80
CA ASP B 294 6.40 21.27 39.13
C ASP B 294 5.86 20.27 40.15
N ASP B 295 5.82 20.74 41.40
CA ASP B 295 5.36 20.01 42.57
C ASP B 295 3.87 19.64 42.54
N GLU B 296 3.04 20.68 42.31
CA GLU B 296 1.59 20.55 42.29
C GLU B 296 0.99 20.26 40.92
N GLY B 297 1.81 19.65 40.06
CA GLY B 297 1.40 19.29 38.70
C GLY B 297 1.23 20.53 37.79
N ASN B 298 1.94 21.58 38.16
CA ASN B 298 1.89 22.83 37.44
C ASN B 298 3.03 22.91 36.43
N LEU B 299 2.71 23.32 35.18
CA LEU B 299 3.72 23.45 34.13
C LEU B 299 4.66 24.61 34.44
N THR B 300 5.90 24.46 34.00
CA THR B 300 6.86 25.49 34.27
C THR B 300 7.61 25.89 33.02
N HIS B 301 8.18 24.87 32.43
CA HIS B 301 8.94 25.02 31.23
C HIS B 301 8.34 24.12 30.17
N ILE B 302 8.47 24.55 28.92
CA ILE B 302 7.98 23.84 27.73
C ILE B 302 8.87 24.07 26.48
N GLY B 303 9.37 22.97 25.94
CA GLY B 303 10.20 23.07 24.73
C GLY B 303 9.75 22.10 23.63
N VAL B 304 10.53 22.04 22.52
CA VAL B 304 10.24 21.13 21.41
C VAL B 304 11.44 20.31 20.92
N ALA B 305 11.22 18.99 20.90
CA ALA B 305 12.24 18.06 20.49
C ALA B 305 12.50 18.08 19.00
N GLY B 306 13.76 17.79 18.66
CA GLY B 306 14.23 17.68 17.29
C GLY B 306 14.76 16.25 17.15
N PHE B 307 15.43 15.91 16.05
CA PHE B 307 15.94 14.57 15.75
C PHE B 307 17.44 14.30 15.90
N GLU B 308 18.21 15.36 16.14
CA GLU B 308 19.67 15.25 16.29
C GLU B 308 20.12 14.34 17.39
N THR B 309 19.34 14.24 18.44
CA THR B 309 19.78 13.38 19.50
C THR B 309 19.92 11.93 19.04
N LEU B 310 19.40 11.59 17.90
CA LEU B 310 19.50 10.19 17.53
C LEU B 310 20.93 9.82 17.28
N LEU B 311 21.52 10.50 16.31
CA LEU B 311 22.89 10.29 15.93
C LEU B 311 23.79 10.55 17.09
N GLU B 312 23.51 11.64 17.73
CA GLU B 312 24.37 11.93 18.86
C GLU B 312 24.51 10.76 19.80
N THR B 313 23.45 9.99 19.91
CA THR B 313 23.47 8.89 20.86
C THR B 313 24.38 7.81 20.43
N VAL B 314 24.32 7.57 19.15
CA VAL B 314 25.17 6.58 18.57
C VAL B 314 26.64 6.98 18.74
N GLN B 315 26.96 8.23 18.39
CA GLN B 315 28.32 8.74 18.50
C GLN B 315 28.88 8.54 19.90
N VAL B 316 28.07 8.89 20.88
CA VAL B 316 28.43 8.79 22.28
C VAL B 316 28.81 7.38 22.68
N LEU B 317 27.89 6.52 22.38
CA LEU B 317 28.04 5.11 22.67
C LEU B 317 29.42 4.60 22.25
N VAL B 318 29.76 4.92 21.00
CA VAL B 318 31.01 4.52 20.44
C VAL B 318 32.09 5.27 21.14
N LYS B 319 32.03 6.55 20.92
CA LYS B 319 32.99 7.44 21.51
C LYS B 319 33.27 7.17 22.98
N ASP B 320 32.31 7.45 23.87
CA ASP B 320 32.53 7.30 25.30
C ASP B 320 32.10 6.01 25.95
N TYR B 321 31.61 5.04 25.20
CA TYR B 321 31.14 3.85 25.91
C TYR B 321 31.64 2.49 25.52
N ASP B 322 32.68 2.46 24.69
CA ASP B 322 33.23 1.18 24.29
C ASP B 322 32.24 0.38 23.44
N PHE B 323 31.35 1.03 22.77
CA PHE B 323 30.45 0.20 21.97
C PHE B 323 31.02 0.07 20.57
N SER B 324 30.71 -1.03 19.91
CA SER B 324 31.12 -1.20 18.53
C SER B 324 30.09 -0.45 17.67
N ILE B 325 30.53 0.06 16.55
CA ILE B 325 29.60 0.75 15.71
C ILE B 325 28.44 -0.14 15.41
N SER B 326 28.77 -1.37 15.14
CA SER B 326 27.70 -2.31 14.85
C SER B 326 26.65 -2.25 15.95
N ASP B 327 27.15 -2.50 17.16
CA ASP B 327 26.30 -2.52 18.31
C ASP B 327 25.56 -1.22 18.54
N ALA B 328 26.25 -0.13 18.33
CA ALA B 328 25.68 1.13 18.56
C ALA B 328 24.48 1.41 17.65
N LEU B 329 24.47 0.83 16.45
CA LEU B 329 23.37 1.09 15.51
C LEU B 329 22.09 0.29 15.67
N ARG B 330 22.25 -0.92 16.17
CA ARG B 330 21.13 -1.82 16.37
C ARG B 330 19.82 -1.20 16.91
N PRO B 331 19.94 -0.41 17.97
CA PRO B 331 18.77 0.17 18.61
C PRO B 331 17.98 1.12 17.75
N LEU B 332 18.57 1.57 16.64
CA LEU B 332 17.94 2.47 15.67
C LEU B 332 17.72 1.77 14.35
N THR B 333 18.13 0.51 14.27
CA THR B 333 18.00 -0.16 13.02
C THR B 333 17.25 -1.50 13.12
N SER B 334 18.01 -2.61 13.23
CA SER B 334 17.44 -3.94 13.32
C SER B 334 16.61 -4.16 14.58
N SER B 335 16.98 -3.56 15.70
CA SER B 335 16.11 -3.84 16.84
C SER B 335 14.69 -3.35 16.58
N VAL B 336 14.58 -2.21 15.93
CA VAL B 336 13.28 -1.62 15.68
C VAL B 336 12.52 -2.39 14.62
N ALA B 337 13.18 -2.61 13.49
CA ALA B 337 12.55 -3.33 12.43
C ALA B 337 12.15 -4.68 12.93
N GLY B 338 12.96 -5.18 13.84
CA GLY B 338 12.69 -6.50 14.40
C GLY B 338 11.46 -6.46 15.31
N PHE B 339 11.35 -5.46 16.19
CA PHE B 339 10.20 -5.37 17.05
C PHE B 339 8.91 -5.15 16.27
N LEU B 340 8.93 -4.24 15.30
CA LEU B 340 7.74 -3.87 14.55
C LEU B 340 7.56 -4.70 13.34
N ASN B 341 8.47 -5.64 13.16
CA ASN B 341 8.42 -6.49 12.02
C ASN B 341 8.46 -5.66 10.74
N LEU B 342 9.30 -4.64 10.68
CA LEU B 342 9.31 -3.88 9.42
C LEU B 342 10.09 -4.59 8.35
N THR B 343 9.36 -5.31 7.56
CA THR B 343 9.96 -6.06 6.49
C THR B 343 10.70 -5.20 5.47
N GLY B 344 11.95 -5.61 5.17
CA GLY B 344 12.74 -4.89 4.19
C GLY B 344 13.50 -3.73 4.82
N LYS B 345 13.30 -3.50 6.13
CA LYS B 345 14.00 -2.41 6.77
C LYS B 345 15.07 -2.78 7.80
N GLY B 346 15.90 -1.81 8.15
CA GLY B 346 16.92 -1.98 9.22
C GLY B 346 18.16 -2.87 8.93
N GLU B 347 18.26 -3.47 7.76
CA GLU B 347 19.42 -4.31 7.48
C GLU B 347 19.73 -4.21 6.03
N ILE B 348 21.03 -4.19 5.76
CA ILE B 348 21.51 -4.16 4.38
C ILE B 348 21.73 -5.61 3.92
N LEU B 349 20.73 -6.10 3.20
CA LEU B 349 20.65 -7.45 2.66
C LEU B 349 20.00 -7.42 1.32
N PRO B 350 20.49 -8.24 0.44
CA PRO B 350 19.85 -8.27 -0.83
C PRO B 350 18.36 -8.49 -0.60
N GLY B 351 17.55 -7.81 -1.36
CA GLY B 351 16.11 -7.93 -1.21
C GLY B 351 15.55 -6.85 -0.27
N ASN B 352 16.39 -6.24 0.59
CA ASN B 352 15.89 -5.16 1.44
C ASN B 352 15.76 -3.83 0.69
N ASP B 353 15.09 -2.88 1.29
CA ASP B 353 14.95 -1.58 0.67
C ASP B 353 16.24 -0.77 0.77
N ALA B 354 16.59 -0.03 -0.30
CA ALA B 354 17.76 0.83 -0.33
C ALA B 354 17.65 2.10 0.54
N ASP B 355 17.56 1.88 1.85
CA ASP B 355 17.49 2.94 2.83
C ASP B 355 18.88 2.97 3.46
N LEU B 356 19.73 3.88 2.96
CA LEU B 356 21.08 3.89 3.42
C LEU B 356 21.66 5.23 3.81
N LEU B 357 22.59 5.16 4.75
CA LEU B 357 23.30 6.34 5.21
C LEU B 357 24.76 6.26 4.85
N VAL B 358 25.29 7.41 4.45
CA VAL B 358 26.69 7.54 4.15
C VAL B 358 27.24 8.50 5.18
N MET B 359 28.24 8.04 5.90
CA MET B 359 28.86 8.84 6.95
C MET B 359 30.37 8.83 6.87
N THR B 360 30.94 9.75 7.64
CA THR B 360 32.36 9.89 7.76
C THR B 360 32.74 8.92 8.83
N PRO B 361 34.01 8.62 8.86
CA PRO B 361 34.47 7.68 9.83
C PRO B 361 34.20 8.09 11.24
N GLU B 362 34.05 9.40 11.45
CA GLU B 362 33.80 9.95 12.77
C GLU B 362 32.30 10.06 13.11
N LEU B 363 31.58 9.42 12.21
CA LEU B 363 30.14 9.29 12.24
C LEU B 363 29.36 10.56 11.98
N ARG B 364 29.57 11.16 10.83
CA ARG B 364 28.85 12.36 10.45
C ARG B 364 28.17 12.02 9.14
N ILE B 365 26.90 12.43 9.06
CA ILE B 365 26.11 12.14 7.87
C ILE B 365 26.52 12.93 6.67
N GLU B 366 26.69 12.26 5.53
CA GLU B 366 27.09 12.96 4.33
C GLU B 366 26.02 12.76 3.28
N GLN B 367 25.61 11.49 3.12
CA GLN B 367 24.56 11.14 2.20
C GLN B 367 23.46 10.31 2.85
N VAL B 368 22.29 10.34 2.20
CA VAL B 368 21.15 9.60 2.64
C VAL B 368 20.36 9.12 1.45
N TYR B 369 20.09 7.82 1.42
CA TYR B 369 19.26 7.20 0.39
C TYR B 369 17.98 6.62 0.98
N ALA B 370 16.87 6.91 0.30
CA ALA B 370 15.58 6.43 0.77
C ALA B 370 15.07 5.68 -0.38
N ARG B 371 14.81 4.41 -0.17
CA ARG B 371 14.35 3.59 -1.24
C ARG B 371 15.16 3.84 -2.47
N GLY B 372 16.48 3.90 -2.28
CA GLY B 372 17.41 4.10 -3.38
C GLY B 372 17.46 5.52 -3.89
N LYS B 373 16.76 6.43 -3.25
CA LYS B 373 16.81 7.78 -3.81
C LYS B 373 17.68 8.66 -2.99
N LEU B 374 18.49 9.48 -3.68
CA LEU B 374 19.36 10.40 -2.99
C LEU B 374 18.57 11.53 -2.40
N MET B 375 18.54 11.61 -1.08
CA MET B 375 17.78 12.63 -0.39
C MET B 375 18.67 13.71 0.26
N VAL B 376 19.86 13.32 0.66
CA VAL B 376 20.77 14.21 1.32
C VAL B 376 22.13 14.04 0.75
N LYS B 377 22.71 15.19 0.49
CA LYS B 377 24.03 15.25 -0.05
C LYS B 377 24.82 16.29 0.69
N ASP B 378 26.00 15.89 1.09
CA ASP B 378 26.92 16.74 1.83
C ASP B 378 26.25 17.28 3.06
N GLY B 379 25.49 16.39 3.68
CA GLY B 379 24.79 16.76 4.89
C GLY B 379 23.69 17.76 4.63
N LYS B 380 23.17 17.78 3.40
CA LYS B 380 22.10 18.72 3.06
C LYS B 380 21.01 18.17 2.15
N ALA B 381 19.78 18.37 2.62
CA ALA B 381 18.65 17.87 1.89
C ALA B 381 18.65 18.39 0.48
N CYS B 382 18.57 17.49 -0.46
CA CYS B 382 18.51 17.91 -1.85
C CYS B 382 17.10 17.61 -2.32
N VAL B 383 16.31 17.00 -1.42
CA VAL B 383 14.93 16.65 -1.64
C VAL B 383 14.13 17.19 -0.47
N LYS B 384 13.16 18.04 -0.77
CA LYS B 384 12.37 18.62 0.31
C LYS B 384 10.89 18.37 0.11
N GLY B 385 10.22 18.56 1.24
CA GLY B 385 8.77 18.43 1.28
C GLY B 385 8.10 19.46 0.36
N THR B 386 7.02 19.05 -0.24
CA THR B 386 6.29 19.90 -1.14
C THR B 386 6.21 21.39 -0.82
N PHE B 387 6.11 21.73 0.48
CA PHE B 387 6.01 23.13 0.97
C PHE B 387 7.08 23.54 1.92
N GLU B 388 8.13 22.75 1.94
CA GLU B 388 9.22 23.09 2.80
C GLU B 388 9.79 24.37 2.25
N THR B 389 10.14 25.24 3.18
CA THR B 389 10.71 26.52 2.83
C THR B 389 11.96 26.82 3.69
ZN ZN C . -21.95 -7.44 -11.16
ZN ZN D . -24.84 -5.33 -12.44
N ASP E . -26.18 -10.66 -10.10
CA ASP E . -25.14 -9.94 -9.68
C ASP E . -24.87 -10.16 -8.21
O ASP E . -25.42 -9.42 -7.36
CB ASP E . -25.48 -8.45 -9.63
CG ASP E . -24.92 -7.77 -10.82
OD1 ASP E . -24.48 -8.46 -11.78
OD2 ASP E . -24.74 -6.49 -10.51
OXT ASP E . -24.07 -11.09 -7.87
ZN ZN F . 5.54 11.52 22.37
ZN ZN G . 4.95 10.25 25.79
N ASP H . 4.38 16.20 25.05
CA ASP H . 4.09 15.34 24.05
C ASP H . 3.06 15.85 23.06
O ASP H . 1.86 15.49 23.19
CB ASP H . 3.44 14.04 24.56
CG ASP H . 4.52 13.09 24.91
OD1 ASP H . 4.31 12.09 25.53
OD2 ASP H . 5.69 13.47 24.50
OXT ASP H . 3.41 16.63 22.14
#